data_5VCS
#
_entry.id   5VCS
#
_cell.length_a   46.280
_cell.length_b   129.160
_cell.length_c   175.800
_cell.angle_alpha   90.000
_cell.angle_beta   90.000
_cell.angle_gamma   90.000
#
_symmetry.space_group_name_H-M   'P 2 21 21'
#
loop_
_entity.id
_entity.type
_entity.pdbx_description
1 polymer 'Alpha-1,6-mannosyl-glycoprotein 2-beta-N-acetylglucosaminyltransferase'
2 branched 2-acetamido-2-deoxy-beta-D-glucopyranose-(1-2)-alpha-D-mannopyranose-(1-3)-[alpha-D-mannopyranose-(1-6)]beta-D-mannopyranose-(1-4)-2-acetamido-2-deoxy-beta-D-glucopyranose
3 non-polymer 2-acetamido-2-deoxy-beta-D-glucopyranose
4 non-polymer 'DIMETHYL SULFOXIDE'
5 non-polymer DI(HYDROXYETHYL)ETHER
6 water water
#
_entity_poly.entity_id   1
_entity_poly.type   'polypeptide(L)'
_entity_poly.pdbx_seq_one_letter_code
;GRQRKNEALAPPLLDAEPARGAGGRGGDHPSVAVGIRRVSNVSAASLVPAVPQPEADNLTLRYRSLVYQLNFDQTLRNVD
KAGTWAPRELVLVVQVHNRPEYLRLLLDSLRKAQGIDNVLVIFSHDFWSTEINQLIAGVNFCPVLQVFFPFSIQLYPNEF
PGSDPRDCPRDLPKNAALKLGCINAEYPDSFGHYREAKFSQTKHHWWWKLHFVWERVKILRDYAGLILFLEEDHYLAPDF
YHVFKKMWKLKQQECPECDVLSLGTYSASRSFYGMADKVDVKTWKSTEHNMGLALTRNAYQKLIECTDTFCTYDDYNWDW
TLQYLTVSCLPKFWKVLVPQIPRIFHAGDCGMHHKKTCRPSTQSAQIESLLNNNKQYMFPETLTISEKFTVVAISPPRKN
GGWGDIRDHELCKSYRRLQ
;
_entity_poly.pdbx_strand_id   A,B
#
loop_
_chem_comp.id
_chem_comp.type
_chem_comp.name
_chem_comp.formula
BMA D-saccharide, beta linking beta-D-mannopyranose 'C6 H12 O6'
DMS non-polymer 'DIMETHYL SULFOXIDE' 'C2 H6 O S'
MAN D-saccharide, alpha linking alpha-D-mannopyranose 'C6 H12 O6'
NAG D-saccharide, beta linking 2-acetamido-2-deoxy-beta-D-glucopyranose 'C8 H15 N O6'
PEG non-polymer DI(HYDROXYETHYL)ETHER 'C4 H10 O3'
#
# COMPACT_ATOMS: atom_id res chain seq x y z
N VAL A 51 -11.06 -18.97 -20.71
CA VAL A 51 -10.41 -18.50 -19.49
C VAL A 51 -8.95 -18.95 -19.47
N PRO A 52 -8.03 -18.03 -19.21
CA PRO A 52 -6.60 -18.36 -19.25
C PRO A 52 -6.22 -19.37 -18.18
N GLN A 53 -5.24 -20.21 -18.52
CA GLN A 53 -4.72 -21.18 -17.58
C GLN A 53 -4.04 -20.45 -16.41
N PRO A 54 -4.37 -20.77 -15.17
CA PRO A 54 -3.76 -20.08 -14.03
C PRO A 54 -2.27 -20.38 -13.93
N GLU A 55 -1.61 -19.62 -13.07
CA GLU A 55 -0.18 -19.77 -12.82
C GLU A 55 0.05 -20.80 -11.72
N ALA A 56 1.19 -21.47 -11.79
CA ALA A 56 1.62 -22.34 -10.70
C ALA A 56 1.95 -21.49 -9.48
N ASP A 57 1.26 -21.74 -8.38
CA ASP A 57 1.35 -20.91 -7.18
C ASP A 57 2.71 -21.07 -6.54
N ASN A 58 3.66 -20.28 -7.00
CA ASN A 58 4.99 -20.22 -6.40
C ASN A 58 5.02 -19.04 -5.43
N LEU A 59 5.03 -19.35 -4.13
CA LEU A 59 4.98 -18.31 -3.11
C LEU A 59 6.25 -17.46 -3.11
N THR A 60 7.42 -18.11 -3.19
CA THR A 60 8.67 -17.36 -3.17
C THR A 60 8.80 -16.47 -4.40
N LEU A 61 8.29 -16.92 -5.54
CA LEU A 61 8.29 -16.07 -6.73
C LEU A 61 7.33 -14.90 -6.57
N ARG A 62 6.23 -15.09 -5.85
CA ARG A 62 5.29 -14.00 -5.64
C ARG A 62 5.87 -12.94 -4.71
N TYR A 63 6.58 -13.35 -3.67
CA TYR A 63 7.17 -12.38 -2.76
C TYR A 63 8.28 -11.58 -3.42
N ARG A 64 9.09 -12.22 -4.26
CA ARG A 64 10.13 -11.50 -4.99
C ARG A 64 9.50 -10.47 -5.93
N SER A 65 8.36 -10.80 -6.53
CA SER A 65 7.70 -9.87 -7.43
C SER A 65 7.21 -8.63 -6.68
N LEU A 66 6.65 -8.84 -5.49
CA LEU A 66 6.22 -7.70 -4.67
C LEU A 66 7.40 -6.85 -4.24
N VAL A 67 8.47 -7.50 -3.76
CA VAL A 67 9.62 -6.78 -3.23
C VAL A 67 10.30 -5.98 -4.34
N TYR A 68 10.51 -6.61 -5.50
CA TYR A 68 11.22 -5.94 -6.59
C TYR A 68 10.39 -4.79 -7.15
N GLN A 69 9.07 -4.96 -7.27
CA GLN A 69 8.24 -3.93 -7.87
C GLN A 69 8.04 -2.75 -6.93
N LEU A 70 7.82 -3.01 -5.65
CA LEU A 70 7.54 -1.91 -4.72
C LEU A 70 8.80 -1.10 -4.42
N ASN A 71 9.98 -1.74 -4.44
CA ASN A 71 11.21 -1.00 -4.25
C ASN A 71 11.54 -0.14 -5.46
N PHE A 72 10.98 -0.43 -6.63
CA PHE A 72 11.21 0.39 -7.82
C PHE A 72 10.16 1.50 -7.95
N ASP A 73 8.89 1.17 -7.75
CA ASP A 73 7.84 2.18 -7.83
C ASP A 73 7.99 3.22 -6.71
N GLN A 74 8.24 2.76 -5.49
CA GLN A 74 8.38 3.62 -4.32
C GLN A 74 7.15 4.51 -4.16
N THR A 75 6.01 3.86 -3.98
CA THR A 75 4.75 4.57 -3.84
C THR A 75 4.70 5.31 -2.51
N LEU A 76 4.53 6.63 -2.58
CA LEU A 76 4.51 7.48 -1.40
C LEU A 76 3.07 7.74 -0.96
N ARG A 77 2.79 7.50 0.31
CA ARG A 77 1.45 7.61 0.86
C ARG A 77 1.21 8.98 1.49
N ASN A 78 -0.03 9.44 1.42
CA ASN A 78 -0.50 10.66 2.08
C ASN A 78 0.24 11.89 1.57
N VAL A 79 0.73 11.85 0.34
CA VAL A 79 1.47 12.95 -0.27
C VAL A 79 0.96 13.18 -1.69
N ASP A 80 0.65 14.43 -2.00
CA ASP A 80 0.29 14.83 -3.37
C ASP A 80 1.58 15.28 -4.04
N LYS A 81 2.19 14.38 -4.82
CA LYS A 81 3.47 14.67 -5.44
C LYS A 81 3.40 15.83 -6.42
N ALA A 82 2.21 16.15 -6.93
CA ALA A 82 2.05 17.30 -7.81
C ALA A 82 2.24 18.62 -7.06
N GLY A 83 2.42 18.60 -5.75
CA GLY A 83 2.66 19.78 -4.96
C GLY A 83 4.13 20.03 -4.71
N THR A 84 4.42 20.75 -3.62
CA THR A 84 5.77 21.14 -3.27
C THR A 84 6.27 20.43 -2.00
N TRP A 85 5.86 19.19 -1.78
CA TRP A 85 6.32 18.47 -0.61
C TRP A 85 7.67 17.83 -0.88
N ALA A 86 8.59 17.99 0.06
CA ALA A 86 9.89 17.35 0.03
C ALA A 86 10.30 17.01 1.46
N PRO A 87 11.02 15.90 1.64
CA PRO A 87 11.47 15.55 3.00
C PRO A 87 12.39 16.63 3.55
N ARG A 88 12.15 17.03 4.79
CA ARG A 88 12.88 18.15 5.36
C ARG A 88 13.20 17.87 6.82
N GLU A 89 14.37 18.34 7.26
CA GLU A 89 14.81 18.28 8.65
C GLU A 89 15.01 16.84 9.12
N LEU A 90 13.93 16.07 9.25
CA LEU A 90 14.00 14.73 9.81
C LEU A 90 13.23 13.75 8.94
N VAL A 91 13.79 12.54 8.80
CA VAL A 91 13.14 11.43 8.13
C VAL A 91 13.28 10.21 9.01
N LEU A 92 12.18 9.48 9.21
CA LEU A 92 12.18 8.30 10.07
C LEU A 92 12.28 7.05 9.21
N VAL A 93 13.21 6.18 9.55
CA VAL A 93 13.41 4.90 8.89
C VAL A 93 13.29 3.80 9.94
N VAL A 94 12.31 2.93 9.78
CA VAL A 94 12.01 1.89 10.77
C VAL A 94 12.33 0.54 10.14
N GLN A 95 13.14 -0.25 10.84
CA GLN A 95 13.45 -1.61 10.43
C GLN A 95 12.41 -2.53 11.07
N VAL A 96 11.56 -3.12 10.24
CA VAL A 96 10.44 -3.93 10.70
C VAL A 96 10.78 -5.40 10.53
N HIS A 97 10.39 -6.21 11.52
CA HIS A 97 10.61 -7.65 11.47
C HIS A 97 9.26 -8.35 11.31
N ASN A 98 8.76 -8.97 12.38
CA ASN A 98 7.48 -9.66 12.35
C ASN A 98 6.90 -9.66 13.76
N ARG A 99 6.71 -8.48 14.34
CA ARG A 99 6.11 -8.32 15.66
C ARG A 99 5.03 -7.25 15.54
N PRO A 100 3.84 -7.62 15.04
CA PRO A 100 2.80 -6.60 14.84
C PRO A 100 2.30 -5.98 16.13
N GLU A 101 2.34 -6.71 17.25
CA GLU A 101 1.88 -6.16 18.51
C GLU A 101 2.75 -5.00 18.98
N TYR A 102 4.04 -5.05 18.68
CA TYR A 102 4.93 -3.93 18.99
C TYR A 102 4.94 -2.86 17.93
N LEU A 103 4.73 -3.23 16.66
CA LEU A 103 4.61 -2.22 15.61
C LEU A 103 3.39 -1.34 15.83
N ARG A 104 2.30 -1.92 16.32
CA ARG A 104 1.11 -1.13 16.60
C ARG A 104 1.38 -0.11 17.71
N LEU A 105 2.19 -0.49 18.70
CA LEU A 105 2.56 0.46 19.75
C LEU A 105 3.39 1.61 19.18
N LEU A 106 4.29 1.32 18.25
CA LEU A 106 5.07 2.38 17.61
C LEU A 106 4.17 3.30 16.81
N LEU A 107 3.19 2.74 16.10
CA LEU A 107 2.27 3.57 15.32
C LEU A 107 1.37 4.41 16.22
N ASP A 108 1.05 3.90 17.42
CA ASP A 108 0.27 4.70 18.37
C ASP A 108 1.07 5.88 18.88
N SER A 109 2.38 5.70 19.10
CA SER A 109 3.23 6.80 19.54
C SER A 109 3.38 7.85 18.44
N LEU A 110 3.45 7.41 17.18
CA LEU A 110 3.54 8.37 16.08
C LEU A 110 2.26 9.18 15.92
N ARG A 111 1.10 8.52 16.08
CA ARG A 111 -0.16 9.25 15.96
C ARG A 111 -0.31 10.28 17.06
N LYS A 112 0.19 9.99 18.27
CA LYS A 112 0.12 10.95 19.36
C LYS A 112 1.27 11.96 19.35
N ALA A 113 2.26 11.76 18.47
CA ALA A 113 3.35 12.71 18.37
C ALA A 113 2.86 14.04 17.81
N GLN A 114 3.64 15.09 18.06
CA GLN A 114 3.26 16.45 17.72
C GLN A 114 4.13 16.97 16.57
N GLY A 115 3.49 17.55 15.56
CA GLY A 115 4.19 18.25 14.51
C GLY A 115 4.89 17.39 13.49
N ILE A 116 4.56 16.11 13.40
CA ILE A 116 5.20 15.20 12.45
C ILE A 116 4.33 15.00 11.20
N ASP A 117 3.42 15.94 10.91
CA ASP A 117 2.53 15.78 9.76
C ASP A 117 3.29 15.81 8.43
N ASN A 118 4.50 16.37 8.41
CA ASN A 118 5.30 16.42 7.20
C ASN A 118 6.51 15.51 7.24
N VAL A 119 6.78 14.85 8.37
CA VAL A 119 7.96 14.00 8.50
C VAL A 119 7.71 12.68 7.79
N LEU A 120 8.62 12.30 6.90
CA LEU A 120 8.53 11.04 6.19
C LEU A 120 8.94 9.89 7.10
N VAL A 121 8.12 8.85 7.16
CA VAL A 121 8.39 7.66 7.95
C VAL A 121 8.51 6.48 6.99
N ILE A 122 9.74 5.97 6.84
CA ILE A 122 10.02 4.86 5.94
C ILE A 122 10.06 3.57 6.74
N PHE A 123 9.29 2.57 6.30
CA PHE A 123 9.25 1.26 6.93
C PHE A 123 10.01 0.28 6.05
N SER A 124 11.15 -0.17 6.53
CA SER A 124 11.98 -1.14 5.82
C SER A 124 11.64 -2.54 6.32
N HIS A 125 11.17 -3.39 5.43
CA HIS A 125 10.68 -4.72 5.77
C HIS A 125 11.65 -5.79 5.28
N ASP A 126 11.80 -6.85 6.08
CA ASP A 126 12.50 -8.04 5.65
C ASP A 126 11.59 -9.25 5.57
N PHE A 127 10.29 -9.08 5.84
CA PHE A 127 9.32 -10.15 5.80
C PHE A 127 7.98 -9.60 5.35
N TRP A 128 7.41 -10.20 4.32
CA TRP A 128 6.09 -9.79 3.84
C TRP A 128 5.02 -10.39 4.73
N SER A 129 4.12 -9.53 5.23
CA SER A 129 3.06 -9.96 6.11
C SER A 129 1.82 -9.11 5.86
N THR A 130 0.67 -9.77 5.78
CA THR A 130 -0.58 -9.05 5.57
C THR A 130 -0.93 -8.17 6.76
N GLU A 131 -0.75 -8.69 7.97
CA GLU A 131 -1.06 -7.91 9.17
C GLU A 131 -0.12 -6.72 9.33
N ILE A 132 1.15 -6.90 8.96
CA ILE A 132 2.11 -5.80 9.07
C ILE A 132 1.77 -4.70 8.08
N ASN A 133 1.47 -5.07 6.84
CA ASN A 133 1.09 -4.07 5.85
C ASN A 133 -0.24 -3.41 6.18
N GLN A 134 -1.14 -4.13 6.86
CA GLN A 134 -2.42 -3.56 7.22
C GLN A 134 -2.27 -2.51 8.32
N LEU A 135 -1.42 -2.78 9.31
CA LEU A 135 -1.21 -1.82 10.39
C LEU A 135 -0.63 -0.52 9.87
N ILE A 136 0.33 -0.60 8.95
CA ILE A 136 0.97 0.60 8.43
C ILE A 136 0.04 1.35 7.48
N ALA A 137 -0.85 0.63 6.80
CA ALA A 137 -1.80 1.28 5.91
C ALA A 137 -2.76 2.19 6.65
N GLY A 138 -3.00 1.94 7.94
CA GLY A 138 -3.86 2.80 8.72
C GLY A 138 -3.27 4.16 9.01
N VAL A 139 -1.95 4.32 8.83
CA VAL A 139 -1.28 5.59 9.08
C VAL A 139 -1.66 6.56 7.96
N ASN A 140 -2.39 7.62 8.31
CA ASN A 140 -2.80 8.62 7.34
C ASN A 140 -2.39 10.03 7.75
N PHE A 141 -1.57 10.17 8.80
CA PHE A 141 -1.25 11.46 9.38
C PHE A 141 0.15 11.96 9.01
N CYS A 142 0.92 11.18 8.27
CA CYS A 142 2.27 11.57 7.89
C CYS A 142 2.67 10.80 6.64
N PRO A 143 3.64 11.31 5.88
CA PRO A 143 4.12 10.57 4.71
C PRO A 143 4.72 9.22 5.11
N VAL A 144 4.30 8.17 4.41
CA VAL A 144 4.73 6.81 4.70
C VAL A 144 5.29 6.19 3.43
N LEU A 145 6.45 5.55 3.55
CA LEU A 145 7.06 4.82 2.45
C LEU A 145 7.44 3.43 2.95
N GLN A 146 7.23 2.42 2.09
CA GLN A 146 7.55 1.04 2.43
C GLN A 146 8.58 0.51 1.44
N VAL A 147 9.71 0.04 1.98
CA VAL A 147 10.74 -0.63 1.20
C VAL A 147 10.95 -2.02 1.78
N PHE A 148 11.44 -2.92 0.94
CA PHE A 148 11.59 -4.33 1.30
C PHE A 148 13.01 -4.78 1.02
N PHE A 149 13.64 -5.38 2.03
CA PHE A 149 14.96 -5.97 1.90
C PHE A 149 14.90 -7.12 0.90
N PRO A 150 15.58 -7.00 -0.25
CA PRO A 150 15.44 -7.99 -1.32
C PRO A 150 16.34 -9.21 -1.22
N PHE A 151 17.05 -9.39 -0.11
CA PHE A 151 17.89 -10.56 0.12
C PHE A 151 17.51 -11.26 1.41
N SER A 152 16.21 -11.28 1.71
CA SER A 152 15.73 -11.90 2.93
CA SER A 152 15.72 -11.90 2.92
C SER A 152 15.69 -13.42 2.77
N ILE A 153 15.70 -14.11 3.92
CA ILE A 153 15.64 -15.57 3.92
C ILE A 153 14.31 -16.04 3.35
N GLN A 154 13.26 -15.22 3.51
CA GLN A 154 11.96 -15.57 2.94
C GLN A 154 12.00 -15.64 1.43
N LEU A 155 12.85 -14.82 0.79
CA LEU A 155 12.99 -14.84 -0.65
C LEU A 155 13.94 -15.93 -1.14
N TYR A 156 14.75 -16.51 -0.25
CA TYR A 156 15.72 -17.55 -0.62
C TYR A 156 15.66 -18.65 0.43
N PRO A 157 14.79 -19.64 0.25
CA PRO A 157 14.65 -20.69 1.26
C PRO A 157 15.76 -21.74 1.23
N ASN A 158 16.13 -22.20 0.03
CA ASN A 158 17.03 -23.35 -0.11
C ASN A 158 18.41 -22.96 -0.63
N GLU A 159 18.83 -21.71 -0.43
CA GLU A 159 20.13 -21.26 -0.89
C GLU A 159 20.49 -19.98 -0.16
N PHE A 160 21.79 -19.66 -0.17
CA PHE A 160 22.27 -18.43 0.44
C PHE A 160 21.52 -17.24 -0.18
N PRO A 161 21.14 -16.23 0.63
CA PRO A 161 21.42 -16.05 2.06
C PRO A 161 20.53 -16.85 3.01
N GLY A 162 19.79 -17.82 2.51
CA GLY A 162 19.02 -18.72 3.34
C GLY A 162 19.89 -19.85 3.87
N SER A 163 19.29 -21.03 3.99
CA SER A 163 19.98 -22.21 4.49
C SER A 163 20.26 -23.13 3.31
N ASP A 164 21.48 -23.04 2.77
CA ASP A 164 21.88 -23.94 1.70
C ASP A 164 22.01 -25.36 2.26
N PRO A 165 21.49 -26.37 1.55
CA PRO A 165 21.54 -27.75 2.08
C PRO A 165 22.94 -28.32 2.21
N ARG A 166 23.95 -27.57 1.77
CA ARG A 166 25.34 -28.00 1.86
C ARG A 166 26.13 -27.19 2.87
N ASP A 167 25.46 -26.45 3.74
CA ASP A 167 26.13 -25.66 4.77
C ASP A 167 26.51 -26.54 5.96
N CYS A 168 27.51 -26.09 6.71
CA CYS A 168 27.92 -26.85 7.88
C CYS A 168 26.96 -26.57 9.04
N PRO A 169 26.67 -27.56 9.88
CA PRO A 169 25.87 -27.29 11.07
C PRO A 169 26.55 -26.31 12.01
N ARG A 170 25.78 -25.78 12.95
CA ARG A 170 26.28 -24.74 13.83
C ARG A 170 27.35 -25.28 14.78
N ASP A 171 27.04 -26.34 15.52
CA ASP A 171 27.93 -26.88 16.54
C ASP A 171 28.76 -28.06 16.04
N LEU A 172 29.04 -28.10 14.74
CA LEU A 172 29.89 -29.18 14.23
C LEU A 172 31.35 -28.78 14.35
N PRO A 173 32.18 -29.60 14.98
CA PRO A 173 33.61 -29.27 15.08
C PRO A 173 34.26 -29.17 13.70
N LYS A 174 35.33 -28.37 13.64
CA LYS A 174 35.98 -28.11 12.35
C LYS A 174 36.62 -29.36 11.77
N ASN A 175 37.14 -30.25 12.62
CA ASN A 175 37.76 -31.47 12.11
C ASN A 175 36.73 -32.38 11.45
N ALA A 176 35.49 -32.36 11.93
CA ALA A 176 34.44 -33.16 11.29
C ALA A 176 33.87 -32.45 10.07
N ALA A 177 33.80 -31.12 10.09
CA ALA A 177 33.26 -30.38 8.96
C ALA A 177 34.19 -30.43 7.76
N LEU A 178 35.51 -30.44 7.99
CA LEU A 178 36.45 -30.51 6.89
C LEU A 178 36.37 -31.86 6.18
N LYS A 179 36.17 -32.94 6.94
CA LYS A 179 36.02 -34.25 6.34
C LYS A 179 34.65 -34.45 5.71
N LEU A 180 33.62 -33.81 6.28
CA LEU A 180 32.29 -33.91 5.69
C LEU A 180 32.24 -33.24 4.33
N GLY A 181 32.92 -32.10 4.17
CA GLY A 181 32.97 -31.41 2.89
C GLY A 181 31.91 -30.36 2.67
N CYS A 182 31.31 -29.84 3.74
CA CYS A 182 30.31 -28.80 3.58
C CYS A 182 30.96 -27.51 3.08
N ILE A 183 30.12 -26.60 2.58
CA ILE A 183 30.61 -25.44 1.84
C ILE A 183 31.52 -24.58 2.71
N ASN A 184 30.97 -23.99 3.77
CA ASN A 184 31.71 -23.04 4.60
C ASN A 184 32.50 -23.73 5.70
N ALA A 185 33.11 -24.88 5.42
CA ALA A 185 33.87 -25.59 6.45
C ALA A 185 35.12 -24.83 6.85
N GLU A 186 35.75 -24.12 5.92
CA GLU A 186 36.96 -23.36 6.19
C GLU A 186 36.68 -22.00 6.79
N TYR A 187 35.42 -21.61 6.96
CA TYR A 187 35.06 -20.26 7.42
C TYR A 187 34.02 -20.33 8.53
N PRO A 188 34.44 -20.70 9.74
CA PRO A 188 33.60 -20.46 10.91
C PRO A 188 33.93 -19.09 11.52
N ASP A 189 33.13 -18.71 12.51
CA ASP A 189 33.35 -17.43 13.18
C ASP A 189 34.46 -17.61 14.21
N SER A 190 34.70 -16.58 15.02
CA SER A 190 35.80 -16.60 15.99
C SER A 190 35.58 -17.58 17.13
N PHE A 191 34.46 -18.31 17.15
CA PHE A 191 34.18 -19.23 18.24
C PHE A 191 33.83 -20.62 17.71
N GLY A 192 34.32 -20.96 16.52
CA GLY A 192 34.10 -22.27 15.96
C GLY A 192 32.68 -22.57 15.52
N HIS A 193 31.79 -21.57 15.55
CA HIS A 193 30.42 -21.77 15.13
C HIS A 193 30.26 -21.37 13.66
N TYR A 194 29.32 -22.02 12.98
CA TYR A 194 29.11 -21.80 11.57
C TYR A 194 27.89 -20.91 11.33
N ARG A 195 27.66 -20.59 10.05
CA ARG A 195 26.68 -19.57 9.69
C ARG A 195 25.25 -20.06 9.95
N GLU A 196 24.43 -19.16 10.47
CA GLU A 196 22.99 -19.35 10.61
C GLU A 196 22.29 -18.21 9.89
N ALA A 197 21.38 -18.56 8.97
CA ALA A 197 20.75 -17.55 8.13
C ALA A 197 19.88 -16.58 8.94
N LYS A 198 19.19 -17.09 9.95
CA LYS A 198 18.28 -16.25 10.73
C LYS A 198 19.01 -15.18 11.54
N PHE A 199 20.28 -15.40 11.87
CA PHE A 199 21.05 -14.46 12.67
C PHE A 199 21.83 -13.45 11.84
N SER A 200 22.03 -13.71 10.56
CA SER A 200 22.80 -12.82 9.69
C SER A 200 21.92 -11.83 8.94
N GLN A 201 20.60 -12.02 8.94
CA GLN A 201 19.72 -11.17 8.15
C GLN A 201 19.61 -9.76 8.72
N THR A 202 19.67 -9.63 10.05
CA THR A 202 19.50 -8.31 10.67
C THR A 202 20.64 -7.37 10.30
N LYS A 203 21.87 -7.88 10.31
CA LYS A 203 23.00 -7.02 9.95
C LYS A 203 22.99 -6.71 8.45
N HIS A 204 22.58 -7.67 7.62
CA HIS A 204 22.44 -7.41 6.20
C HIS A 204 21.39 -6.33 5.94
N HIS A 205 20.25 -6.42 6.64
CA HIS A 205 19.15 -5.48 6.42
C HIS A 205 19.53 -4.07 6.88
N TRP A 206 20.19 -3.95 8.03
CA TRP A 206 20.53 -2.64 8.55
C TRP A 206 21.46 -1.89 7.60
N TRP A 207 22.45 -2.60 7.04
CA TRP A 207 23.39 -1.96 6.14
C TRP A 207 22.79 -1.68 4.78
N TRP A 208 21.95 -2.60 4.29
CA TRP A 208 21.27 -2.38 3.00
C TRP A 208 20.31 -1.20 3.08
N LYS A 209 19.53 -1.11 4.16
CA LYS A 209 18.57 -0.02 4.27
C LYS A 209 19.27 1.31 4.51
N LEU A 210 20.45 1.29 5.12
CA LEU A 210 21.21 2.53 5.29
C LEU A 210 21.63 3.10 3.93
N HIS A 211 22.15 2.25 3.05
CA HIS A 211 22.54 2.71 1.72
C HIS A 211 21.33 3.00 0.85
N PHE A 212 20.24 2.25 1.03
CA PHE A 212 19.08 2.40 0.15
C PHE A 212 18.39 3.74 0.36
N VAL A 213 18.19 4.15 1.60
CA VAL A 213 17.48 5.40 1.86
C VAL A 213 18.31 6.62 1.51
N TRP A 214 19.64 6.48 1.45
CA TRP A 214 20.50 7.62 1.17
C TRP A 214 20.85 7.75 -0.30
N GLU A 215 20.85 6.65 -1.06
CA GLU A 215 21.29 6.69 -2.46
C GLU A 215 20.36 5.96 -3.43
N ARG A 216 19.26 5.37 -2.96
CA ARG A 216 18.35 4.66 -3.85
C ARG A 216 16.89 5.10 -3.72
N VAL A 217 16.60 6.03 -2.83
CA VAL A 217 15.25 6.56 -2.67
C VAL A 217 15.20 7.91 -3.38
N LYS A 218 14.42 7.99 -4.46
CA LYS A 218 14.42 9.18 -5.30
C LYS A 218 13.81 10.38 -4.58
N ILE A 219 12.93 10.15 -3.60
CA ILE A 219 12.36 11.28 -2.86
C ILE A 219 13.37 11.88 -1.89
N LEU A 220 14.44 11.17 -1.57
CA LEU A 220 15.50 11.66 -0.69
C LEU A 220 16.74 12.07 -1.46
N ARG A 221 16.62 12.39 -2.75
CA ARG A 221 17.77 12.84 -3.52
C ARG A 221 18.21 14.22 -3.04
N ASP A 222 19.51 14.37 -2.81
CA ASP A 222 20.12 15.60 -2.32
C ASP A 222 19.55 16.02 -0.96
N TYR A 223 19.02 15.07 -0.19
CA TYR A 223 18.46 15.38 1.11
C TYR A 223 19.56 15.82 2.07
N ALA A 224 19.46 17.06 2.54
CA ALA A 224 20.47 17.67 3.40
C ALA A 224 19.98 17.81 4.83
N GLY A 225 19.27 16.81 5.33
CA GLY A 225 18.81 16.81 6.70
C GLY A 225 19.31 15.60 7.46
N LEU A 226 18.59 15.19 8.50
CA LEU A 226 18.96 14.04 9.29
C LEU A 226 17.93 12.92 9.10
N ILE A 227 18.38 11.68 9.30
CA ILE A 227 17.53 10.50 9.18
C ILE A 227 17.63 9.73 10.49
N LEU A 228 16.48 9.54 11.14
CA LEU A 228 16.42 8.83 12.41
C LEU A 228 16.17 7.35 12.17
N PHE A 229 16.96 6.51 12.85
CA PHE A 229 16.89 5.06 12.70
C PHE A 229 16.38 4.44 14.00
N LEU A 230 15.23 3.79 13.93
CA LEU A 230 14.65 3.09 15.06
C LEU A 230 14.14 1.74 14.59
N GLU A 231 13.51 0.99 15.50
CA GLU A 231 13.04 -0.35 15.22
C GLU A 231 11.54 -0.44 15.54
N GLU A 232 10.96 -1.60 15.24
CA GLU A 232 9.53 -1.79 15.40
C GLU A 232 9.13 -1.83 16.88
N ASP A 233 10.04 -2.22 17.76
CA ASP A 233 9.76 -2.35 19.19
C ASP A 233 10.06 -1.08 19.98
N HIS A 234 9.98 0.08 19.33
CA HIS A 234 10.28 1.35 19.98
C HIS A 234 9.02 2.20 20.11
N TYR A 235 9.01 3.06 21.12
CA TYR A 235 7.90 3.97 21.39
C TYR A 235 8.46 5.38 21.52
N LEU A 236 8.01 6.27 20.64
CA LEU A 236 8.51 7.64 20.61
C LEU A 236 7.68 8.55 21.51
N ALA A 237 8.36 9.47 22.17
CA ALA A 237 7.68 10.45 23.00
C ALA A 237 6.90 11.44 22.12
N PRO A 238 5.82 12.02 22.65
CA PRO A 238 5.03 12.96 21.84
C PRO A 238 5.80 14.20 21.44
N ASP A 239 6.90 14.53 22.12
CA ASP A 239 7.70 15.70 21.80
C ASP A 239 9.07 15.33 21.26
N PHE A 240 9.22 14.13 20.69
CA PHE A 240 10.52 13.71 20.18
C PHE A 240 10.97 14.59 19.02
N TYR A 241 10.03 15.03 18.18
CA TYR A 241 10.37 15.93 17.08
C TYR A 241 10.58 17.35 17.57
N HIS A 242 9.86 17.75 18.62
CA HIS A 242 10.08 19.07 19.21
C HIS A 242 11.48 19.17 19.81
N VAL A 243 11.95 18.10 20.45
CA VAL A 243 13.27 18.11 21.07
C VAL A 243 14.36 17.99 20.02
N PHE A 244 14.14 17.16 18.99
CA PHE A 244 15.16 16.98 17.95
C PHE A 244 15.47 18.29 17.24
N LYS A 245 14.43 19.08 16.93
CA LYS A 245 14.65 20.35 16.26
C LYS A 245 15.51 21.30 17.10
N LYS A 246 15.30 21.28 18.43
CA LYS A 246 16.13 22.08 19.31
C LYS A 246 17.48 21.42 19.59
N MET A 247 17.55 20.08 19.48
CA MET A 247 18.82 19.39 19.65
C MET A 247 19.76 19.70 18.50
N TRP A 248 19.24 19.76 17.27
CA TRP A 248 20.09 20.05 16.12
C TRP A 248 20.53 21.51 16.11
N LYS A 249 19.67 22.42 16.55
CA LYS A 249 20.08 23.81 16.71
C LYS A 249 21.13 23.95 17.80
N LEU A 250 20.96 23.20 18.90
CA LEU A 250 21.96 23.24 19.97
C LEU A 250 23.26 22.60 19.55
N LYS A 251 23.22 21.66 18.60
CA LYS A 251 24.45 21.07 18.09
C LYS A 251 25.22 22.04 17.20
N GLN A 252 24.52 22.77 16.34
CA GLN A 252 25.17 23.72 15.44
C GLN A 252 25.71 24.93 16.18
N GLN A 253 25.38 25.11 17.45
CA GLN A 253 25.78 26.30 18.19
C GLN A 253 26.72 26.02 19.35
N GLU A 254 26.62 24.87 20.01
CA GLU A 254 27.44 24.57 21.18
C GLU A 254 28.22 23.29 21.10
N CYS A 255 27.95 22.40 20.14
CA CYS A 255 28.71 21.16 19.96
C CYS A 255 28.98 20.94 18.49
N PRO A 256 29.94 21.68 17.92
CA PRO A 256 30.34 21.41 16.53
C PRO A 256 31.02 20.06 16.36
N GLU A 257 31.54 19.48 17.44
CA GLU A 257 32.21 18.17 17.38
C GLU A 257 31.25 17.00 17.50
N CYS A 258 29.97 17.25 17.78
CA CYS A 258 28.99 16.18 17.85
C CYS A 258 28.79 15.56 16.47
N ASP A 259 28.93 14.24 16.39
CA ASP A 259 28.81 13.52 15.13
C ASP A 259 27.39 13.06 14.87
N VAL A 260 26.74 12.44 15.86
CA VAL A 260 25.41 11.88 15.72
C VAL A 260 24.54 12.35 16.88
N LEU A 261 23.23 12.18 16.72
CA LEU A 261 22.26 12.52 17.74
C LEU A 261 21.52 11.26 18.17
N SER A 262 21.01 11.29 19.40
CA SER A 262 20.21 10.20 19.93
C SER A 262 19.03 10.79 20.70
N LEU A 263 17.92 10.06 20.69
CA LEU A 263 16.69 10.52 21.32
C LEU A 263 16.54 10.04 22.76
N GLY A 264 17.56 9.43 23.33
CA GLY A 264 17.53 9.00 24.71
C GLY A 264 18.08 7.61 24.90
N THR A 265 18.46 7.30 26.13
CA THR A 265 18.99 6.00 26.50
C THR A 265 17.88 5.16 27.13
N TYR A 266 18.25 4.01 27.69
CA TYR A 266 17.28 3.14 28.34
C TYR A 266 17.01 3.53 29.79
N SER A 267 17.75 4.48 30.34
CA SER A 267 17.56 4.93 31.72
C SER A 267 16.59 6.10 31.72
N ALA A 268 15.47 5.95 32.43
CA ALA A 268 14.46 6.99 32.54
C ALA A 268 14.13 7.23 34.00
N SER A 269 13.97 8.50 34.35
CA SER A 269 13.63 8.89 35.71
C SER A 269 12.12 8.94 35.89
N ARG A 270 11.67 8.74 37.13
CA ARG A 270 10.24 8.76 37.42
C ARG A 270 9.67 10.18 37.37
N SER A 271 10.50 11.20 37.55
CA SER A 271 10.09 12.59 37.47
C SER A 271 11.03 13.32 36.52
N PHE A 272 10.46 14.01 35.53
CA PHE A 272 11.24 14.73 34.53
C PHE A 272 11.62 16.13 34.98
N TYR A 273 11.51 16.43 36.27
CA TYR A 273 11.77 17.77 36.76
C TYR A 273 13.26 18.11 36.66
N GLY A 274 13.55 19.27 36.08
CA GLY A 274 14.91 19.75 35.97
C GLY A 274 15.77 19.04 34.94
N MET A 275 15.38 17.84 34.51
CA MET A 275 16.16 17.08 33.54
C MET A 275 15.54 17.03 32.16
N ALA A 276 14.32 17.57 31.99
CA ALA A 276 13.64 17.46 30.70
C ALA A 276 14.17 18.43 29.66
N ASP A 277 14.89 19.46 30.07
CA ASP A 277 15.46 20.44 29.17
C ASP A 277 16.97 20.33 29.05
N LYS A 278 17.55 19.26 29.59
CA LYS A 278 18.99 19.07 29.62
C LYS A 278 19.41 17.97 28.64
N VAL A 279 20.52 18.18 27.96
CA VAL A 279 21.11 17.20 27.06
C VAL A 279 22.56 17.00 27.46
N ASP A 280 23.09 15.81 27.15
CA ASP A 280 24.45 15.46 27.48
C ASP A 280 25.25 15.23 26.20
N VAL A 281 26.55 15.51 26.28
CA VAL A 281 27.49 15.24 25.18
C VAL A 281 28.43 14.16 25.68
N LYS A 282 28.25 12.93 25.18
CA LYS A 282 29.04 11.79 25.60
C LYS A 282 29.61 11.08 24.38
N THR A 283 30.55 10.18 24.63
CA THR A 283 31.06 9.29 23.60
C THR A 283 30.00 8.25 23.26
N TRP A 284 29.77 8.03 21.97
CA TRP A 284 28.71 7.14 21.53
C TRP A 284 29.01 5.72 21.99
N LYS A 285 28.16 5.19 22.86
CA LYS A 285 28.23 3.80 23.31
C LYS A 285 27.09 3.02 22.69
N SER A 286 27.41 1.86 22.11
CA SER A 286 26.40 1.10 21.38
C SER A 286 25.32 0.57 22.32
N THR A 287 25.70 0.16 23.53
CA THR A 287 24.72 -0.36 24.46
C THR A 287 23.82 0.71 25.04
N GLU A 288 24.24 1.97 25.01
CA GLU A 288 23.44 3.06 25.55
C GLU A 288 22.81 3.97 24.50
N HIS A 289 23.25 3.90 23.25
CA HIS A 289 22.76 4.85 22.24
C HIS A 289 22.39 4.15 20.94
N ASN A 290 21.97 2.89 21.00
CA ASN A 290 21.51 2.18 19.80
C ASN A 290 20.02 2.40 19.53
N MET A 291 19.35 3.16 20.38
CA MET A 291 17.91 3.39 20.29
C MET A 291 17.67 4.81 19.79
N GLY A 292 17.13 4.93 18.58
CA GLY A 292 16.89 6.21 17.96
C GLY A 292 18.16 6.96 17.62
N LEU A 293 18.83 6.52 16.55
CA LEU A 293 20.08 7.11 16.10
C LEU A 293 19.82 7.98 14.87
N ALA A 294 20.16 9.25 14.96
CA ALA A 294 19.97 10.21 13.87
C ALA A 294 21.32 10.49 13.22
N LEU A 295 21.41 10.22 11.92
CA LEU A 295 22.64 10.42 11.16
C LEU A 295 22.48 11.59 10.19
N THR A 296 23.61 12.16 9.79
CA THR A 296 23.66 13.23 8.81
C THR A 296 24.23 12.69 7.50
N ARG A 297 24.14 13.54 6.46
CA ARG A 297 24.70 13.16 5.16
C ARG A 297 26.21 12.98 5.26
N ASN A 298 26.88 13.83 6.05
CA ASN A 298 28.31 13.67 6.26
C ASN A 298 28.62 12.44 7.10
N ALA A 299 27.80 12.18 8.12
CA ALA A 299 28.03 11.00 8.95
C ALA A 299 27.74 9.70 8.19
N TYR A 300 26.77 9.73 7.27
CA TYR A 300 26.50 8.52 6.48
C TYR A 300 27.66 8.21 5.55
N GLN A 301 28.23 9.22 4.91
CA GLN A 301 29.32 8.98 3.96
C GLN A 301 30.53 8.37 4.66
N LYS A 302 30.75 8.70 5.93
CA LYS A 302 31.85 8.09 6.66
C LYS A 302 31.58 6.61 6.92
N LEU A 303 30.32 6.23 7.10
CA LEU A 303 29.98 4.83 7.31
C LEU A 303 30.07 4.03 6.02
N ILE A 304 29.56 4.58 4.91
CA ILE A 304 29.58 3.84 3.66
C ILE A 304 31.00 3.71 3.13
N GLU A 305 31.89 4.65 3.50
CA GLU A 305 33.31 4.49 3.19
C GLU A 305 33.96 3.39 4.00
N CYS A 306 33.29 2.89 5.04
CA CYS A 306 33.77 1.78 5.86
C CYS A 306 32.96 0.52 5.64
N THR A 307 32.60 0.26 4.37
CA THR A 307 31.80 -0.92 4.06
C THR A 307 32.62 -2.19 4.26
N ASP A 308 33.86 -2.20 3.77
CA ASP A 308 34.70 -3.40 3.90
C ASP A 308 34.96 -3.73 5.37
N THR A 309 35.11 -2.71 6.22
CA THR A 309 35.35 -2.96 7.63
C THR A 309 34.06 -3.40 8.34
N PHE A 310 32.93 -2.83 7.95
CA PHE A 310 31.66 -3.21 8.55
C PHE A 310 31.30 -4.65 8.18
N CYS A 311 31.50 -5.02 6.91
CA CYS A 311 31.02 -6.32 6.42
C CYS A 311 31.92 -7.48 6.82
N THR A 312 33.17 -7.21 7.22
CA THR A 312 34.09 -8.28 7.58
C THR A 312 34.25 -8.46 9.08
N TYR A 313 33.79 -7.49 9.89
CA TYR A 313 33.90 -7.62 11.34
C TYR A 313 33.04 -8.76 11.83
N ASP A 314 33.63 -9.66 12.62
CA ASP A 314 32.96 -10.89 13.06
C ASP A 314 32.02 -10.57 14.22
N ASP A 315 30.87 -9.98 13.88
CA ASP A 315 29.82 -9.72 14.85
C ASP A 315 28.53 -9.47 14.10
N TYR A 316 27.53 -10.34 14.32
CA TYR A 316 26.27 -10.21 13.62
C TYR A 316 25.40 -9.07 14.14
N ASN A 317 25.76 -8.47 15.26
CA ASN A 317 25.03 -7.31 15.76
C ASN A 317 25.51 -6.05 15.05
N TRP A 318 24.55 -5.28 14.51
CA TRP A 318 24.91 -4.08 13.78
C TRP A 318 25.47 -2.99 14.69
N ASP A 319 24.93 -2.90 15.92
CA ASP A 319 25.36 -1.85 16.83
C ASP A 319 26.73 -2.15 17.42
N TRP A 320 27.01 -3.41 17.73
CA TRP A 320 28.36 -3.78 18.16
C TRP A 320 29.37 -3.56 17.06
N THR A 321 28.97 -3.75 15.80
CA THR A 321 29.88 -3.52 14.68
C THR A 321 30.17 -2.02 14.52
N LEU A 322 29.13 -1.18 14.68
CA LEU A 322 29.35 0.25 14.64
C LEU A 322 30.27 0.71 15.76
N GLN A 323 30.22 0.03 16.91
CA GLN A 323 31.12 0.34 18.00
C GLN A 323 32.57 0.07 17.59
N TYR A 324 32.79 -0.99 16.81
CA TYR A 324 34.13 -1.26 16.29
C TYR A 324 34.55 -0.26 15.23
N LEU A 325 33.59 0.30 14.48
CA LEU A 325 33.94 1.28 13.47
C LEU A 325 34.54 2.54 14.07
N THR A 326 34.01 2.96 15.23
CA THR A 326 34.52 4.17 15.88
C THR A 326 35.98 4.03 16.26
N VAL A 327 36.41 2.82 16.64
CA VAL A 327 37.78 2.61 17.11
C VAL A 327 38.71 2.13 16.01
N SER A 328 38.22 1.97 14.78
CA SER A 328 39.05 1.42 13.71
C SER A 328 38.94 2.22 12.42
N CYS A 329 37.87 1.99 11.64
CA CYS A 329 37.81 2.55 10.29
C CYS A 329 37.39 4.02 10.30
N LEU A 330 36.49 4.40 11.19
CA LEU A 330 36.10 5.80 11.29
C LEU A 330 37.30 6.65 11.66
N PRO A 331 37.38 7.88 11.15
CA PRO A 331 38.55 8.72 11.47
C PRO A 331 38.68 9.01 12.95
N LYS A 332 37.57 9.22 13.64
CA LYS A 332 37.57 9.41 15.09
C LYS A 332 36.33 8.73 15.67
N PHE A 333 36.38 8.51 16.98
CA PHE A 333 35.23 7.98 17.69
C PHE A 333 34.09 9.01 17.66
N TRP A 334 32.88 8.52 17.92
CA TRP A 334 31.71 9.37 17.83
C TRP A 334 31.35 9.97 19.18
N LYS A 335 30.92 11.23 19.14
CA LYS A 335 30.35 11.92 20.29
C LYS A 335 28.88 12.18 19.99
N VAL A 336 28.01 11.76 20.89
CA VAL A 336 26.57 11.77 20.67
C VAL A 336 25.92 12.82 21.55
N LEU A 337 24.87 13.45 21.03
CA LEU A 337 24.06 14.39 21.78
C LEU A 337 22.78 13.68 22.18
N VAL A 338 22.57 13.52 23.49
CA VAL A 338 21.45 12.74 24.01
C VAL A 338 20.82 13.49 25.18
N PRO A 339 19.50 13.62 25.22
CA PRO A 339 18.87 14.27 26.37
C PRO A 339 18.94 13.39 27.61
N GLN A 340 18.95 14.05 28.77
CA GLN A 340 18.98 13.31 30.03
C GLN A 340 17.70 12.52 30.26
N ILE A 341 16.58 13.03 29.76
CA ILE A 341 15.31 12.32 29.79
C ILE A 341 15.08 11.73 28.40
N PRO A 342 14.90 10.41 28.28
CA PRO A 342 14.79 9.82 26.95
C PRO A 342 13.48 10.18 26.27
N ARG A 343 13.55 10.44 24.97
CA ARG A 343 12.38 10.68 24.14
C ARG A 343 12.03 9.47 23.29
N ILE A 344 12.63 8.32 23.58
CA ILE A 344 12.34 7.07 22.88
C ILE A 344 12.50 5.94 23.88
N PHE A 345 11.62 4.94 23.78
CA PHE A 345 11.59 3.85 24.74
C PHE A 345 11.59 2.51 24.00
N HIS A 346 12.16 1.50 24.65
CA HIS A 346 12.21 0.14 24.11
C HIS A 346 11.17 -0.68 24.86
N ALA A 347 10.03 -0.92 24.22
CA ALA A 347 8.94 -1.66 24.86
C ALA A 347 9.22 -3.15 24.96
N GLY A 348 10.34 -3.63 24.44
CA GLY A 348 10.67 -5.05 24.51
C GLY A 348 11.75 -5.36 25.53
N ARG A 359 4.30 -8.36 28.06
CA ARG A 359 3.13 -8.18 27.22
C ARG A 359 3.07 -6.75 26.67
N PRO A 360 2.67 -6.60 25.40
CA PRO A 360 2.69 -5.26 24.79
C PRO A 360 1.76 -4.27 25.47
N SER A 361 0.55 -4.68 25.82
CA SER A 361 -0.40 -3.77 26.47
C SER A 361 0.02 -3.41 27.88
N THR A 362 0.96 -4.16 28.48
CA THR A 362 1.42 -3.87 29.84
C THR A 362 2.55 -2.84 29.85
N GLN A 363 3.54 -3.01 28.97
CA GLN A 363 4.63 -2.05 28.91
C GLN A 363 4.19 -0.74 28.27
N SER A 364 3.18 -0.78 27.41
CA SER A 364 2.67 0.44 26.80
C SER A 364 1.94 1.31 27.81
N ALA A 365 1.20 0.69 28.73
CA ALA A 365 0.50 1.44 29.76
C ALA A 365 1.47 2.09 30.73
N GLN A 366 2.64 1.48 30.95
CA GLN A 366 3.62 2.08 31.84
C GLN A 366 4.30 3.28 31.19
N ILE A 367 4.52 3.23 29.88
CA ILE A 367 5.13 4.35 29.18
C ILE A 367 4.16 5.53 29.11
N GLU A 368 2.91 5.26 28.74
CA GLU A 368 1.92 6.33 28.68
C GLU A 368 1.62 6.89 30.06
N SER A 369 1.76 6.10 31.11
CA SER A 369 1.59 6.62 32.46
C SER A 369 2.77 7.49 32.87
N LEU A 370 3.98 7.13 32.43
CA LEU A 370 5.15 7.92 32.74
C LEU A 370 5.11 9.27 32.02
N LEU A 371 4.63 9.29 30.78
CA LEU A 371 4.58 10.53 30.02
C LEU A 371 3.42 11.42 30.45
N ASN A 372 2.32 10.83 30.92
CA ASN A 372 1.18 11.64 31.35
C ASN A 372 1.45 12.30 32.70
N ASN A 373 2.13 11.59 33.60
CA ASN A 373 2.45 12.17 34.91
C ASN A 373 3.47 13.30 34.80
N ASN A 374 4.27 13.32 33.75
CA ASN A 374 5.26 14.36 33.51
C ASN A 374 4.90 15.18 32.26
N LYS A 375 3.61 15.40 32.04
CA LYS A 375 3.17 16.17 30.88
C LYS A 375 3.59 17.63 30.98
N GLN A 376 3.78 18.13 32.20
CA GLN A 376 4.17 19.53 32.37
C GLN A 376 5.62 19.81 31.98
N TYR A 377 6.47 18.77 31.96
CA TYR A 377 7.88 18.97 31.69
C TYR A 377 8.26 18.75 30.22
N MET A 378 7.38 18.11 29.44
CA MET A 378 7.67 17.92 28.03
C MET A 378 7.48 19.22 27.25
N PHE A 379 7.94 19.22 26.01
CA PHE A 379 7.95 20.39 25.14
C PHE A 379 8.67 21.55 25.81
N PRO A 380 9.97 21.45 26.07
CA PRO A 380 10.68 22.55 26.74
C PRO A 380 10.90 23.72 25.79
N GLU A 381 10.88 24.93 26.36
CA GLU A 381 11.09 26.12 25.56
C GLU A 381 12.51 26.19 25.02
N THR A 382 13.50 25.82 25.83
CA THR A 382 14.90 25.89 25.42
C THR A 382 15.66 24.70 26.01
N LEU A 383 16.60 24.17 25.22
CA LEU A 383 17.49 23.11 25.65
C LEU A 383 18.85 23.67 26.01
N THR A 384 19.49 23.07 27.01
CA THR A 384 20.81 23.50 27.46
C THR A 384 21.69 22.29 27.71
N ILE A 385 22.93 22.36 27.20
CA ILE A 385 23.90 21.30 27.44
C ILE A 385 24.38 21.37 28.88
N SER A 386 24.42 20.22 29.55
CA SER A 386 24.86 20.13 30.93
C SER A 386 26.31 19.68 31.00
N GLU A 387 26.91 19.88 32.16
CA GLU A 387 28.32 19.57 32.36
C GLU A 387 28.52 18.10 32.74
N VAL A 391 35.08 12.62 28.57
CA VAL A 391 34.55 11.47 27.83
C VAL A 391 35.52 11.07 26.72
N VAL A 392 35.92 9.80 26.72
CA VAL A 392 36.86 9.26 25.76
C VAL A 392 36.22 8.08 25.05
N ALA A 393 36.92 7.56 24.04
CA ALA A 393 36.41 6.49 23.19
C ALA A 393 36.25 5.19 23.98
N ILE A 394 35.52 4.25 23.39
CA ILE A 394 35.28 2.94 23.98
C ILE A 394 35.30 1.89 22.89
N SER A 395 36.14 0.82 23.09
CA SER A 395 36.35 -0.29 22.18
C SER A 395 35.38 -1.43 22.49
N PRO A 396 35.02 -2.24 21.49
CA PRO A 396 34.18 -3.41 21.75
C PRO A 396 34.88 -4.38 22.71
N PRO A 397 34.25 -4.68 23.84
CA PRO A 397 34.92 -5.55 24.82
C PRO A 397 35.11 -6.98 24.34
N ARG A 398 34.27 -7.47 23.43
CA ARG A 398 34.41 -8.82 22.92
C ARG A 398 33.60 -9.04 21.66
N LYS A 399 34.21 -9.63 20.63
CA LYS A 399 33.47 -9.99 19.43
C LYS A 399 32.45 -11.07 19.77
N ASN A 400 31.27 -10.97 19.15
CA ASN A 400 30.21 -11.93 19.41
C ASN A 400 30.10 -13.01 18.33
N GLY A 401 30.93 -12.95 17.29
CA GLY A 401 30.88 -13.98 16.28
C GLY A 401 29.63 -13.84 15.40
N GLY A 402 29.33 -14.94 14.72
CA GLY A 402 28.17 -14.99 13.85
C GLY A 402 28.33 -14.30 12.52
N TRP A 403 29.52 -13.77 12.22
CA TRP A 403 29.77 -13.06 10.97
C TRP A 403 31.15 -13.45 10.43
N GLY A 404 31.39 -14.76 10.34
CA GLY A 404 32.67 -15.26 9.84
C GLY A 404 32.57 -15.83 8.44
N ASP A 405 31.35 -16.07 7.97
CA ASP A 405 31.14 -16.60 6.64
C ASP A 405 31.42 -15.52 5.60
N ILE A 406 32.34 -15.81 4.67
CA ILE A 406 32.71 -14.81 3.68
C ILE A 406 31.57 -14.54 2.70
N ARG A 407 30.62 -15.46 2.57
CA ARG A 407 29.44 -15.19 1.75
C ARG A 407 28.64 -14.02 2.31
N ASP A 408 28.51 -13.95 3.64
CA ASP A 408 27.90 -12.79 4.26
C ASP A 408 28.74 -11.54 4.05
N HIS A 409 30.07 -11.69 3.95
CA HIS A 409 30.92 -10.54 3.72
C HIS A 409 30.71 -9.95 2.33
N GLU A 410 30.67 -10.82 1.31
CA GLU A 410 30.55 -10.33 -0.07
C GLU A 410 29.18 -9.74 -0.33
N LEU A 411 28.12 -10.39 0.16
CA LEU A 411 26.76 -9.87 -0.03
C LEU A 411 26.60 -8.51 0.63
N CYS A 412 27.19 -8.33 1.82
CA CYS A 412 27.11 -7.05 2.52
C CYS A 412 27.88 -5.96 1.76
N LYS A 413 29.02 -6.32 1.16
CA LYS A 413 29.82 -5.34 0.43
C LYS A 413 29.19 -4.92 -0.89
N SER A 414 28.24 -5.71 -1.41
CA SER A 414 27.66 -5.42 -2.72
C SER A 414 26.56 -4.36 -2.64
N TYR A 415 26.08 -4.03 -1.44
CA TYR A 415 25.00 -3.05 -1.31
C TYR A 415 25.43 -1.70 -1.86
N ARG A 416 26.69 -1.32 -1.66
CA ARG A 416 27.19 -0.04 -2.14
C ARG A 416 27.28 0.01 -3.66
N ARG A 417 27.38 -1.14 -4.32
CA ARG A 417 27.52 -1.17 -5.77
C ARG A 417 26.14 -1.21 -6.45
N ASN B 58 10.55 -11.12 -16.78
CA ASN B 58 9.31 -10.93 -17.53
C ASN B 58 8.33 -10.04 -16.74
N LEU B 59 8.10 -8.84 -17.27
CA LEU B 59 7.26 -7.87 -16.58
C LEU B 59 5.83 -8.36 -16.44
N THR B 60 5.27 -8.93 -17.51
CA THR B 60 3.88 -9.39 -17.46
C THR B 60 3.70 -10.53 -16.46
N LEU B 61 4.70 -11.40 -16.32
CA LEU B 61 4.63 -12.45 -15.30
C LEU B 61 4.72 -11.86 -13.90
N ARG B 62 5.46 -10.76 -13.73
CA ARG B 62 5.53 -10.12 -12.42
C ARG B 62 4.20 -9.46 -12.06
N TYR B 63 3.53 -8.87 -13.04
CA TYR B 63 2.25 -8.23 -12.77
C TYR B 63 1.18 -9.24 -12.36
N ARG B 64 1.22 -10.44 -12.96
CA ARG B 64 0.29 -11.49 -12.57
C ARG B 64 0.49 -11.86 -11.10
N SER B 65 1.74 -11.90 -10.64
CA SER B 65 2.02 -12.21 -9.24
C SER B 65 1.52 -11.11 -8.31
N LEU B 66 1.68 -9.85 -8.72
CA LEU B 66 1.22 -8.73 -7.90
C LEU B 66 -0.30 -8.75 -7.77
N VAL B 67 -1.01 -9.00 -8.87
CA VAL B 67 -2.47 -8.95 -8.85
C VAL B 67 -3.03 -10.02 -7.94
N TYR B 68 -2.47 -11.24 -8.00
CA TYR B 68 -3.01 -12.33 -7.19
C TYR B 68 -2.84 -12.07 -5.70
N GLN B 69 -1.70 -11.48 -5.30
CA GLN B 69 -1.46 -11.25 -3.88
C GLN B 69 -2.29 -10.08 -3.36
N LEU B 70 -2.39 -9.00 -4.14
CA LEU B 70 -3.08 -7.80 -3.67
C LEU B 70 -4.60 -7.99 -3.64
N ASN B 71 -5.15 -8.79 -4.55
CA ASN B 71 -6.58 -9.07 -4.51
C ASN B 71 -6.96 -9.97 -3.34
N PHE B 72 -6.01 -10.72 -2.81
CA PHE B 72 -6.26 -11.58 -1.66
C PHE B 72 -6.02 -10.87 -0.33
N ASP B 73 -4.91 -10.13 -0.24
CA ASP B 73 -4.61 -9.42 1.00
C ASP B 73 -5.67 -8.37 1.30
N GLN B 74 -6.06 -7.59 0.28
CA GLN B 74 -7.06 -6.53 0.41
C GLN B 74 -6.69 -5.57 1.54
N THR B 75 -5.53 -4.93 1.37
CA THR B 75 -5.03 -4.01 2.37
C THR B 75 -5.90 -2.76 2.42
N LEU B 76 -6.45 -2.47 3.59
CA LEU B 76 -7.34 -1.32 3.78
C LEU B 76 -6.54 -0.15 4.32
N ARG B 77 -6.63 0.99 3.64
CA ARG B 77 -5.84 2.17 3.97
C ARG B 77 -6.62 3.13 4.84
N ASN B 78 -5.88 3.85 5.69
CA ASN B 78 -6.42 4.94 6.52
C ASN B 78 -7.48 4.44 7.50
N VAL B 79 -7.39 3.16 7.90
CA VAL B 79 -8.34 2.56 8.83
C VAL B 79 -7.55 1.76 9.86
N ASP B 80 -7.84 2.00 11.13
CA ASP B 80 -7.28 1.21 12.23
C ASP B 80 -8.29 0.11 12.56
N LYS B 81 -8.07 -1.08 11.99
CA LYS B 81 -9.02 -2.18 12.16
C LYS B 81 -9.14 -2.62 13.62
N ALA B 82 -8.12 -2.37 14.43
CA ALA B 82 -8.17 -2.69 15.85
C ALA B 82 -9.19 -1.82 16.58
N THR B 84 -13.04 0.62 15.14
CA THR B 84 -14.40 0.08 15.07
C THR B 84 -15.10 0.55 13.81
N TRP B 85 -14.34 0.70 12.73
CA TRP B 85 -14.88 1.15 11.46
C TRP B 85 -15.43 -0.04 10.66
N ALA B 86 -16.61 0.15 10.09
CA ALA B 86 -17.24 -0.81 9.20
C ALA B 86 -17.96 -0.06 8.10
N PRO B 87 -17.99 -0.60 6.89
CA PRO B 87 -18.68 0.09 5.78
C PRO B 87 -20.17 0.22 6.06
N ARG B 88 -20.70 1.43 5.87
CA ARG B 88 -22.08 1.74 6.18
C ARG B 88 -22.63 2.72 5.15
N GLU B 89 -23.93 2.60 4.89
CA GLU B 89 -24.68 3.51 4.04
C GLU B 89 -24.24 3.48 2.58
N LEU B 90 -23.04 3.97 2.29
CA LEU B 90 -22.57 4.10 0.92
C LEU B 90 -21.16 3.58 0.78
N VAL B 91 -20.88 2.93 -0.35
CA VAL B 91 -19.54 2.48 -0.71
C VAL B 91 -19.30 2.90 -2.15
N LEU B 92 -18.13 3.50 -2.41
CA LEU B 92 -17.78 3.97 -3.75
C LEU B 92 -16.86 2.96 -4.42
N VAL B 93 -17.21 2.55 -5.63
CA VAL B 93 -16.41 1.64 -6.43
C VAL B 93 -16.13 2.32 -7.76
N VAL B 94 -14.84 2.55 -8.04
CA VAL B 94 -14.40 3.28 -9.23
C VAL B 94 -13.66 2.32 -10.15
N GLN B 95 -14.07 2.29 -11.42
CA GLN B 95 -13.37 1.51 -12.45
C GLN B 95 -12.31 2.40 -13.09
N VAL B 96 -11.04 2.08 -12.84
CA VAL B 96 -9.91 2.86 -13.31
C VAL B 96 -9.25 2.13 -14.46
N HIS B 97 -8.84 2.89 -15.49
CA HIS B 97 -8.11 2.32 -16.61
C HIS B 97 -6.66 2.81 -16.63
N ASN B 98 -6.34 3.71 -17.56
CA ASN B 98 -4.98 4.24 -17.68
C ASN B 98 -5.02 5.65 -18.25
N ARG B 99 -5.76 6.54 -17.59
CA ARG B 99 -5.80 7.97 -17.93
C ARG B 99 -5.67 8.74 -16.62
N PRO B 100 -4.44 8.90 -16.13
CA PRO B 100 -4.24 9.58 -14.83
C PRO B 100 -4.69 11.04 -14.84
N GLU B 101 -4.70 11.70 -15.99
CA GLU B 101 -5.14 13.10 -16.05
C GLU B 101 -6.59 13.24 -15.64
N TYR B 102 -7.42 12.24 -15.93
CA TYR B 102 -8.81 12.26 -15.50
C TYR B 102 -9.00 11.69 -14.10
N LEU B 103 -8.14 10.75 -13.70
CA LEU B 103 -8.21 10.22 -12.34
C LEU B 103 -7.87 11.31 -11.32
N ARG B 104 -6.92 12.19 -11.66
CA ARG B 104 -6.57 13.29 -10.77
C ARG B 104 -7.76 14.23 -10.56
N LEU B 105 -8.55 14.44 -11.62
CA LEU B 105 -9.75 15.27 -11.49
C LEU B 105 -10.76 14.61 -10.56
N LEU B 106 -10.93 13.30 -10.66
CA LEU B 106 -11.84 12.59 -9.75
C LEU B 106 -11.32 12.66 -8.32
N LEU B 107 -10.02 12.49 -8.11
CA LEU B 107 -9.46 12.57 -6.77
C LEU B 107 -9.57 13.98 -6.19
N ASP B 108 -9.51 15.00 -7.05
CA ASP B 108 -9.73 16.36 -6.57
C ASP B 108 -11.17 16.57 -6.15
N SER B 109 -12.12 15.97 -6.88
CA SER B 109 -13.52 16.09 -6.49
C SER B 109 -13.81 15.36 -5.19
N LEU B 110 -13.15 14.22 -4.97
CA LEU B 110 -13.33 13.49 -3.72
C LEU B 110 -12.75 14.25 -2.55
N ARG B 111 -11.58 14.88 -2.73
CA ARG B 111 -10.99 15.65 -1.65
C ARG B 111 -11.84 16.86 -1.28
N LYS B 112 -12.51 17.46 -2.26
CA LYS B 112 -13.37 18.61 -2.01
C LYS B 112 -14.78 18.21 -1.56
N ALA B 113 -15.13 16.92 -1.63
CA ALA B 113 -16.44 16.48 -1.19
C ALA B 113 -16.57 16.63 0.33
N GLN B 114 -17.81 16.67 0.78
CA GLN B 114 -18.13 16.92 2.18
C GLN B 114 -18.67 15.66 2.84
N GLY B 115 -18.15 15.32 4.00
CA GLY B 115 -18.71 14.25 4.81
C GLY B 115 -18.42 12.84 4.34
N ILE B 116 -17.43 12.65 3.46
CA ILE B 116 -17.11 11.31 2.96
C ILE B 116 -15.91 10.72 3.70
N ASP B 117 -15.62 11.20 4.92
CA ASP B 117 -14.48 10.69 5.66
C ASP B 117 -14.64 9.23 6.07
N ASN B 118 -15.87 8.72 6.10
CA ASN B 118 -16.12 7.32 6.44
C ASN B 118 -16.52 6.47 5.25
N VAL B 119 -16.73 7.05 4.09
CA VAL B 119 -17.16 6.30 2.91
C VAL B 119 -15.97 5.58 2.31
N LEU B 120 -16.11 4.27 2.12
CA LEU B 120 -15.05 3.47 1.50
C LEU B 120 -15.08 3.68 -0.01
N VAL B 121 -13.91 3.95 -0.58
CA VAL B 121 -13.77 4.16 -2.02
C VAL B 121 -12.86 3.07 -2.55
N ILE B 122 -13.41 2.15 -3.33
CA ILE B 122 -12.68 1.02 -3.90
C ILE B 122 -12.29 1.36 -5.34
N PHE B 123 -11.01 1.22 -5.65
CA PHE B 123 -10.48 1.48 -6.99
C PHE B 123 -10.14 0.15 -7.65
N SER B 124 -10.91 -0.22 -8.68
CA SER B 124 -10.67 -1.44 -9.43
C SER B 124 -9.84 -1.11 -10.66
N HIS B 125 -8.66 -1.72 -10.77
CA HIS B 125 -7.71 -1.40 -11.83
C HIS B 125 -7.60 -2.54 -12.82
N ASP B 126 -7.44 -2.18 -14.10
CA ASP B 126 -7.10 -3.13 -15.14
C ASP B 126 -5.73 -2.84 -15.75
N PHE B 127 -5.00 -1.86 -15.24
CA PHE B 127 -3.67 -1.53 -15.75
C PHE B 127 -2.80 -1.07 -14.59
N TRP B 128 -1.67 -1.74 -14.39
CA TRP B 128 -0.73 -1.37 -13.35
C TRP B 128 0.15 -0.22 -13.85
N SER B 129 0.22 0.85 -13.06
CA SER B 129 1.01 2.02 -13.43
C SER B 129 1.54 2.68 -12.16
N THR B 130 2.81 3.10 -12.20
CA THR B 130 3.39 3.78 -11.06
C THR B 130 2.70 5.11 -10.80
N GLU B 131 2.40 5.86 -11.88
CA GLU B 131 1.71 7.14 -11.72
C GLU B 131 0.29 6.95 -11.18
N ILE B 132 -0.39 5.88 -11.62
CA ILE B 132 -1.75 5.63 -11.16
C ILE B 132 -1.75 5.24 -9.69
N ASN B 133 -0.84 4.34 -9.30
CA ASN B 133 -0.77 3.91 -7.90
C ASN B 133 -0.35 5.05 -6.99
N GLN B 134 0.44 6.00 -7.50
CA GLN B 134 0.87 7.13 -6.67
C GLN B 134 -0.28 8.08 -6.39
N LEU B 135 -1.16 8.29 -7.37
CA LEU B 135 -2.29 9.21 -7.19
C LEU B 135 -3.20 8.75 -6.06
N ILE B 136 -3.50 7.44 -6.01
CA ILE B 136 -4.41 6.93 -5.00
C ILE B 136 -3.76 6.88 -3.62
N ALA B 137 -2.44 6.68 -3.57
CA ALA B 137 -1.75 6.64 -2.29
C ALA B 137 -1.83 7.97 -1.56
N GLY B 138 -2.01 9.07 -2.30
CA GLY B 138 -2.15 10.38 -1.68
C GLY B 138 -3.46 10.58 -0.97
N VAL B 139 -4.47 9.74 -1.25
CA VAL B 139 -5.77 9.86 -0.60
C VAL B 139 -5.63 9.40 0.85
N ASN B 140 -5.78 10.33 1.79
CA ASN B 140 -5.67 10.04 3.21
C ASN B 140 -6.90 10.46 4.01
N PHE B 141 -7.96 10.88 3.33
CA PHE B 141 -9.13 11.45 3.99
C PHE B 141 -10.31 10.48 4.07
N CYS B 142 -10.20 9.29 3.52
CA CYS B 142 -11.28 8.32 3.55
C CYS B 142 -10.69 6.92 3.39
N PRO B 143 -11.40 5.89 3.82
CA PRO B 143 -10.92 4.52 3.61
C PRO B 143 -10.78 4.21 2.12
N VAL B 144 -9.64 3.64 1.75
CA VAL B 144 -9.30 3.36 0.36
C VAL B 144 -8.95 1.89 0.23
N LEU B 145 -9.52 1.23 -0.78
CA LEU B 145 -9.21 -0.16 -1.10
C LEU B 145 -8.89 -0.26 -2.59
N GLN B 146 -7.89 -1.07 -2.93
CA GLN B 146 -7.47 -1.27 -4.30
C GLN B 146 -7.61 -2.74 -4.67
N VAL B 147 -8.38 -3.01 -5.72
CA VAL B 147 -8.50 -4.35 -6.29
C VAL B 147 -8.11 -4.28 -7.75
N PHE B 148 -7.68 -5.42 -8.29
CA PHE B 148 -7.15 -5.47 -9.64
C PHE B 148 -7.88 -6.53 -10.45
N PHE B 149 -8.40 -6.13 -11.62
CA PHE B 149 -9.01 -7.04 -12.57
C PHE B 149 -7.95 -8.02 -13.05
N PRO B 150 -8.08 -9.31 -12.74
CA PRO B 150 -7.01 -10.27 -13.04
C PRO B 150 -7.04 -10.87 -14.43
N PHE B 151 -7.91 -10.40 -15.32
CA PHE B 151 -7.98 -10.88 -16.69
C PHE B 151 -7.88 -9.71 -17.67
N SER B 152 -6.92 -8.82 -17.43
CA SER B 152 -6.77 -7.63 -18.24
C SER B 152 -5.77 -7.88 -19.38
N ILE B 153 -5.68 -6.90 -20.28
CA ILE B 153 -4.78 -7.02 -21.42
C ILE B 153 -3.33 -6.87 -20.98
N GLN B 154 -3.08 -6.08 -19.93
CA GLN B 154 -1.72 -5.94 -19.43
C GLN B 154 -1.20 -7.25 -18.85
N LEU B 155 -2.09 -8.07 -18.27
CA LEU B 155 -1.67 -9.35 -17.72
C LEU B 155 -1.60 -10.45 -18.78
N TYR B 156 -2.25 -10.25 -19.94
CA TYR B 156 -2.23 -11.24 -21.01
C TYR B 156 -2.09 -10.51 -22.34
N PRO B 157 -0.86 -10.24 -22.77
CA PRO B 157 -0.65 -9.48 -24.01
C PRO B 157 -0.84 -10.33 -25.26
N ASN B 158 -0.28 -11.54 -25.25
CA ASN B 158 -0.20 -12.38 -26.43
C ASN B 158 -1.14 -13.58 -26.36
N GLU B 159 -2.23 -13.46 -25.59
CA GLU B 159 -3.19 -14.54 -25.46
C GLU B 159 -4.50 -13.96 -24.94
N PHE B 160 -5.58 -14.69 -25.18
CA PHE B 160 -6.89 -14.27 -24.70
C PHE B 160 -6.85 -14.05 -23.19
N PRO B 161 -7.50 -12.99 -22.67
CA PRO B 161 -8.35 -12.02 -23.38
C PRO B 161 -7.60 -10.90 -24.10
N GLY B 162 -6.29 -11.04 -24.26
CA GLY B 162 -5.52 -10.07 -25.03
C GLY B 162 -5.59 -10.32 -26.52
N SER B 163 -4.50 -10.07 -27.22
CA SER B 163 -4.43 -10.25 -28.67
C SER B 163 -3.64 -11.53 -28.94
N ASP B 164 -4.35 -12.63 -29.14
CA ASP B 164 -3.70 -13.88 -29.51
C ASP B 164 -3.15 -13.76 -30.94
N PRO B 165 -1.91 -14.21 -31.17
CA PRO B 165 -1.33 -14.09 -32.51
C PRO B 165 -2.06 -14.87 -33.58
N ARG B 166 -3.05 -15.67 -33.22
CA ARG B 166 -3.83 -16.46 -34.17
C ARG B 166 -5.27 -15.96 -34.30
N ASP B 167 -5.54 -14.74 -33.82
CA ASP B 167 -6.88 -14.19 -33.95
C ASP B 167 -7.10 -13.63 -35.36
N CYS B 168 -8.36 -13.56 -35.75
CA CYS B 168 -8.70 -13.04 -37.07
C CYS B 168 -8.65 -11.51 -37.07
N PRO B 169 -8.22 -10.90 -38.16
CA PRO B 169 -8.28 -9.43 -38.27
C PRO B 169 -9.72 -8.94 -38.18
N ARG B 170 -9.87 -7.64 -37.95
CA ARG B 170 -11.20 -7.07 -37.74
C ARG B 170 -12.04 -7.13 -39.01
N ASP B 171 -11.51 -6.58 -40.11
CA ASP B 171 -12.26 -6.45 -41.36
C ASP B 171 -11.95 -7.57 -42.34
N LEU B 172 -11.59 -8.76 -41.85
CA LEU B 172 -11.35 -9.88 -42.74
C LEU B 172 -12.66 -10.61 -43.04
N PRO B 173 -13.00 -10.82 -44.30
CA PRO B 173 -14.24 -11.55 -44.62
C PRO B 173 -14.21 -12.96 -44.06
N LYS B 174 -15.40 -13.50 -43.79
CA LYS B 174 -15.51 -14.81 -43.16
C LYS B 174 -14.99 -15.92 -44.08
N ASN B 175 -15.18 -15.79 -45.39
CA ASN B 175 -14.69 -16.80 -46.31
C ASN B 175 -13.17 -16.86 -46.33
N ALA B 176 -12.51 -15.72 -46.12
CA ALA B 176 -11.05 -15.70 -46.04
C ALA B 176 -10.56 -16.16 -44.68
N ALA B 177 -11.30 -15.86 -43.61
CA ALA B 177 -10.88 -16.27 -42.28
C ALA B 177 -11.00 -17.79 -42.10
N LEU B 178 -12.00 -18.41 -42.73
CA LEU B 178 -12.14 -19.86 -42.62
C LEU B 178 -10.98 -20.58 -43.31
N LYS B 179 -10.52 -20.06 -44.44
CA LYS B 179 -9.38 -20.67 -45.12
C LYS B 179 -8.06 -20.34 -44.44
N LEU B 180 -7.96 -19.15 -43.83
CA LEU B 180 -6.75 -18.80 -43.10
C LEU B 180 -6.57 -19.68 -41.87
N GLY B 181 -7.66 -19.99 -41.18
CA GLY B 181 -7.59 -20.86 -40.02
C GLY B 181 -7.39 -20.16 -38.69
N CYS B 182 -7.72 -18.88 -38.59
CA CYS B 182 -7.58 -18.18 -37.32
C CYS B 182 -8.58 -18.71 -36.30
N ILE B 183 -8.33 -18.37 -35.04
CA ILE B 183 -9.03 -19.01 -33.92
C ILE B 183 -10.54 -18.73 -34.00
N ASN B 184 -10.92 -17.47 -33.86
CA ASN B 184 -12.34 -17.08 -33.79
C ASN B 184 -12.95 -16.84 -35.15
N ALA B 185 -12.61 -17.66 -36.15
CA ALA B 185 -13.15 -17.46 -37.49
C ALA B 185 -14.65 -17.75 -37.56
N GLU B 186 -15.12 -18.72 -36.78
CA GLU B 186 -16.53 -19.11 -36.82
C GLU B 186 -17.43 -18.21 -35.97
N TYR B 187 -16.88 -17.24 -35.26
CA TYR B 187 -17.65 -16.41 -34.32
C TYR B 187 -17.32 -14.93 -34.51
N PRO B 188 -17.85 -14.30 -35.56
CA PRO B 188 -17.83 -12.85 -35.65
C PRO B 188 -19.07 -12.25 -34.99
N ASP B 189 -19.07 -10.93 -34.90
CA ASP B 189 -20.21 -10.22 -34.31
C ASP B 189 -21.33 -10.10 -35.35
N SER B 190 -22.39 -9.37 -35.00
CA SER B 190 -23.54 -9.22 -35.88
C SER B 190 -23.25 -8.37 -37.11
N PHE B 191 -22.04 -7.84 -37.26
CA PHE B 191 -21.72 -6.96 -38.38
C PHE B 191 -20.47 -7.43 -39.12
N GLY B 192 -20.19 -8.73 -39.08
CA GLY B 192 -19.07 -9.30 -39.81
C GLY B 192 -17.70 -8.93 -39.30
N HIS B 193 -17.61 -8.24 -38.16
CA HIS B 193 -16.34 -7.86 -37.57
C HIS B 193 -15.92 -8.88 -36.52
N TYR B 194 -14.61 -9.03 -36.35
CA TYR B 194 -14.06 -10.00 -35.41
C TYR B 194 -13.64 -9.30 -34.11
N ARG B 195 -13.19 -10.11 -33.16
CA ARG B 195 -12.96 -9.61 -31.80
C ARG B 195 -11.75 -8.69 -31.76
N GLU B 196 -11.88 -7.61 -30.98
CA GLU B 196 -10.77 -6.72 -30.66
C GLU B 196 -10.64 -6.67 -29.14
N ALA B 197 -9.43 -6.94 -28.65
CA ALA B 197 -9.22 -7.05 -27.21
C ALA B 197 -9.48 -5.73 -26.50
N LYS B 198 -9.09 -4.61 -27.13
CA LYS B 198 -9.22 -3.31 -26.48
C LYS B 198 -10.67 -2.91 -26.25
N PHE B 199 -11.61 -3.46 -27.02
CA PHE B 199 -13.01 -3.11 -26.86
C PHE B 199 -13.76 -4.02 -25.90
N SER B 200 -13.22 -5.20 -25.60
CA SER B 200 -13.90 -6.16 -24.72
C SER B 200 -13.48 -6.03 -23.27
N GLN B 201 -12.40 -5.28 -22.98
CA GLN B 201 -11.91 -5.21 -21.60
C GLN B 201 -12.85 -4.42 -20.69
N THR B 202 -13.51 -3.39 -21.23
CA THR B 202 -14.37 -2.57 -20.39
C THR B 202 -15.57 -3.36 -19.86
N LYS B 203 -16.19 -4.18 -20.73
CA LYS B 203 -17.34 -4.98 -20.29
C LYS B 203 -16.90 -6.12 -19.37
N HIS B 204 -15.73 -6.72 -19.65
CA HIS B 204 -15.20 -7.75 -18.77
C HIS B 204 -14.90 -7.19 -17.38
N HIS B 205 -14.30 -6.00 -17.32
CA HIS B 205 -13.94 -5.42 -16.04
C HIS B 205 -15.18 -5.04 -15.23
N TRP B 206 -16.18 -4.45 -15.89
CA TRP B 206 -17.38 -4.00 -15.18
C TRP B 206 -18.11 -5.16 -14.53
N TRP B 207 -18.24 -6.29 -15.24
CA TRP B 207 -18.98 -7.41 -14.70
C TRP B 207 -18.20 -8.14 -13.62
N TRP B 208 -16.88 -8.26 -13.79
CA TRP B 208 -16.07 -8.88 -12.74
C TRP B 208 -16.07 -8.02 -11.48
N LYS B 209 -16.00 -6.70 -11.65
CA LYS B 209 -15.96 -5.79 -10.51
C LYS B 209 -17.28 -5.77 -9.75
N LEU B 210 -18.40 -6.03 -10.44
CA LEU B 210 -19.69 -6.10 -9.76
C LEU B 210 -19.75 -7.31 -8.83
N HIS B 211 -19.30 -8.47 -9.31
CA HIS B 211 -19.33 -9.67 -8.47
C HIS B 211 -18.26 -9.63 -7.38
N PHE B 212 -17.11 -9.02 -7.67
CA PHE B 212 -16.00 -9.07 -6.72
C PHE B 212 -16.30 -8.25 -5.46
N VAL B 213 -16.86 -7.04 -5.63
CA VAL B 213 -17.08 -6.18 -4.48
C VAL B 213 -18.25 -6.66 -3.61
N TRP B 214 -19.14 -7.50 -4.16
CA TRP B 214 -20.30 -7.95 -3.40
C TRP B 214 -20.07 -9.27 -2.68
N GLU B 215 -19.18 -10.13 -3.20
CA GLU B 215 -19.02 -11.46 -2.65
C GLU B 215 -17.57 -11.88 -2.41
N ARG B 216 -16.59 -11.03 -2.71
CA ARG B 216 -15.19 -11.39 -2.53
C ARG B 216 -14.39 -10.40 -1.71
N VAL B 217 -15.00 -9.31 -1.24
CA VAL B 217 -14.32 -8.32 -0.41
C VAL B 217 -14.71 -8.59 1.04
N LYS B 218 -13.72 -8.99 1.85
CA LYS B 218 -14.01 -9.41 3.22
C LYS B 218 -14.48 -8.26 4.09
N ILE B 219 -14.09 -7.02 3.76
CA ILE B 219 -14.56 -5.89 4.55
C ILE B 219 -16.01 -5.54 4.23
N LEU B 220 -16.54 -6.03 3.10
CA LEU B 220 -17.92 -5.81 2.72
C LEU B 220 -18.80 -7.03 2.98
N ARG B 221 -18.37 -7.93 3.87
CA ARG B 221 -19.17 -9.08 4.21
C ARG B 221 -20.40 -8.65 5.01
N ASP B 222 -21.56 -9.18 4.62
CA ASP B 222 -22.84 -8.84 5.24
C ASP B 222 -23.17 -7.35 5.13
N TYR B 223 -22.59 -6.67 4.14
CA TYR B 223 -22.85 -5.26 3.92
C TYR B 223 -24.29 -5.05 3.47
N ALA B 224 -25.07 -4.33 4.26
CA ALA B 224 -26.49 -4.12 4.00
C ALA B 224 -26.77 -2.69 3.58
N GLY B 225 -25.89 -2.12 2.76
CA GLY B 225 -26.08 -0.77 2.26
C GLY B 225 -26.11 -0.71 0.74
N LEU B 226 -25.75 0.44 0.18
CA LEU B 226 -25.69 0.63 -1.26
C LEU B 226 -24.25 0.84 -1.71
N ILE B 227 -23.98 0.49 -2.97
CA ILE B 227 -22.65 0.61 -3.56
C ILE B 227 -22.77 1.45 -4.82
N LEU B 228 -22.05 2.57 -4.87
CA LEU B 228 -22.07 3.46 -6.01
C LEU B 228 -20.99 3.05 -7.00
N PHE B 229 -21.36 2.95 -8.28
CA PHE B 229 -20.45 2.52 -9.33
C PHE B 229 -20.21 3.68 -10.30
N LEU B 230 -18.96 4.14 -10.39
CA LEU B 230 -18.59 5.19 -11.32
C LEU B 230 -17.27 4.79 -12.00
N GLU B 231 -16.75 5.67 -12.84
CA GLU B 231 -15.55 5.40 -13.62
C GLU B 231 -14.50 6.47 -13.36
N GLU B 232 -13.32 6.28 -13.97
CA GLU B 232 -12.19 7.16 -13.71
C GLU B 232 -12.40 8.55 -14.31
N ASP B 233 -13.20 8.65 -15.37
CA ASP B 233 -13.41 9.92 -16.06
C ASP B 233 -14.62 10.69 -15.54
N HIS B 234 -14.98 10.50 -14.27
CA HIS B 234 -16.13 11.14 -13.68
C HIS B 234 -15.68 12.15 -12.62
N TYR B 235 -16.51 13.18 -12.42
CA TYR B 235 -16.25 14.22 -11.44
C TYR B 235 -17.49 14.35 -10.55
N LEU B 236 -17.30 14.14 -9.25
CA LEU B 236 -18.42 14.15 -8.31
C LEU B 236 -18.62 15.55 -7.74
N ALA B 237 -19.88 15.92 -7.54
CA ALA B 237 -20.19 17.18 -6.91
C ALA B 237 -19.81 17.15 -5.44
N PRO B 238 -19.49 18.29 -4.84
CA PRO B 238 -19.09 18.30 -3.42
C PRO B 238 -20.19 17.84 -2.47
N ASP B 239 -21.45 17.87 -2.90
CA ASP B 239 -22.56 17.44 -2.06
C ASP B 239 -23.21 16.16 -2.56
N PHE B 240 -22.48 15.34 -3.33
CA PHE B 240 -23.06 14.11 -3.86
C PHE B 240 -23.44 13.16 -2.74
N TYR B 241 -22.62 13.10 -1.68
CA TYR B 241 -22.95 12.27 -0.53
C TYR B 241 -24.01 12.92 0.35
N HIS B 242 -24.02 14.25 0.41
CA HIS B 242 -25.07 14.96 1.15
C HIS B 242 -26.43 14.73 0.53
N VAL B 243 -26.50 14.69 -0.80
CA VAL B 243 -27.78 14.48 -1.48
C VAL B 243 -28.17 13.00 -1.42
N PHE B 244 -27.20 12.10 -1.54
CA PHE B 244 -27.50 10.67 -1.50
C PHE B 244 -28.14 10.28 -0.18
N LYS B 245 -27.63 10.81 0.93
CA LYS B 245 -28.20 10.49 2.23
C LYS B 245 -29.66 10.95 2.32
N LYS B 246 -29.96 12.11 1.73
CA LYS B 246 -31.34 12.57 1.69
C LYS B 246 -32.15 11.87 0.60
N MET B 247 -31.49 11.40 -0.46
CA MET B 247 -32.20 10.65 -1.49
C MET B 247 -32.67 9.30 -0.98
N TRP B 248 -31.83 8.62 -0.18
CA TRP B 248 -32.23 7.33 0.36
C TRP B 248 -33.28 7.49 1.43
N LYS B 249 -33.22 8.56 2.23
CA LYS B 249 -34.29 8.85 3.17
C LYS B 249 -35.57 9.21 2.44
N LEU B 250 -35.46 9.96 1.35
CA LEU B 250 -36.64 10.30 0.55
C LEU B 250 -37.21 9.08 -0.16
N LYS B 251 -36.37 8.07 -0.43
CA LYS B 251 -36.87 6.86 -1.05
C LYS B 251 -37.65 6.01 -0.06
N GLN B 252 -37.15 5.89 1.17
CA GLN B 252 -37.84 5.10 2.19
C GLN B 252 -39.14 5.74 2.67
N GLN B 253 -39.41 6.97 2.29
CA GLN B 253 -40.58 7.70 2.77
C GLN B 253 -41.60 8.04 1.70
N GLU B 254 -41.17 8.27 0.46
CA GLU B 254 -42.09 8.70 -0.59
C GLU B 254 -42.03 7.86 -1.86
N CYS B 255 -41.03 7.01 -2.04
CA CYS B 255 -40.92 6.13 -3.21
C CYS B 255 -40.52 4.74 -2.79
N PRO B 256 -41.45 3.96 -2.24
CA PRO B 256 -41.13 2.55 -1.94
C PRO B 256 -40.87 1.72 -3.18
N GLU B 257 -41.34 2.17 -4.35
CA GLU B 257 -41.14 1.44 -5.60
C GLU B 257 -39.82 1.76 -6.28
N CYS B 258 -39.06 2.73 -5.76
CA CYS B 258 -37.76 3.05 -6.34
C CYS B 258 -36.79 1.89 -6.10
N ASP B 259 -36.18 1.40 -7.18
CA ASP B 259 -35.27 0.26 -7.08
C ASP B 259 -33.83 0.70 -6.88
N VAL B 260 -33.35 1.64 -7.69
CA VAL B 260 -31.97 2.10 -7.65
C VAL B 260 -31.96 3.63 -7.62
N LEU B 261 -30.78 4.17 -7.28
CA LEU B 261 -30.57 5.61 -7.25
C LEU B 261 -29.52 5.99 -8.28
N SER B 262 -29.59 7.25 -8.72
CA SER B 262 -28.62 7.79 -9.68
C SER B 262 -28.25 9.20 -9.27
N LEU B 263 -27.01 9.58 -9.60
CA LEU B 263 -26.48 10.89 -9.26
C LEU B 263 -26.69 11.93 -10.37
N GLY B 264 -27.48 11.61 -11.38
CA GLY B 264 -27.77 12.54 -12.45
C GLY B 264 -27.73 11.86 -13.80
N THR B 265 -28.38 12.50 -14.77
CA THR B 265 -28.43 11.98 -16.14
C THR B 265 -27.40 12.67 -17.03
N GLY B 274 -32.96 22.38 -14.22
CA GLY B 274 -34.01 22.34 -13.22
C GLY B 274 -33.61 23.00 -11.92
N MET B 275 -34.14 22.49 -10.81
CA MET B 275 -33.86 23.01 -9.49
C MET B 275 -32.93 22.08 -8.73
N ALA B 276 -32.20 22.65 -7.78
CA ALA B 276 -31.18 21.91 -7.05
C ALA B 276 -31.75 21.01 -5.95
N ASP B 277 -33.01 21.21 -5.55
CA ASP B 277 -33.61 20.42 -4.48
C ASP B 277 -34.66 19.44 -5.00
N LYS B 278 -34.77 19.25 -6.30
CA LYS B 278 -35.79 18.40 -6.89
C LYS B 278 -35.16 17.12 -7.44
N VAL B 279 -35.87 16.01 -7.26
CA VAL B 279 -35.49 14.71 -7.80
C VAL B 279 -36.67 14.14 -8.57
N ASP B 280 -36.37 13.30 -9.56
CA ASP B 280 -37.38 12.70 -10.41
C ASP B 280 -37.39 11.18 -10.24
N VAL B 281 -38.56 10.59 -10.44
CA VAL B 281 -38.75 9.14 -10.44
C VAL B 281 -39.12 8.75 -11.86
N LYS B 282 -38.19 8.07 -12.54
CA LYS B 282 -38.36 7.69 -13.93
C LYS B 282 -38.17 6.19 -14.08
N THR B 283 -38.54 5.67 -15.25
CA THR B 283 -38.22 4.29 -15.57
C THR B 283 -36.73 4.15 -15.81
N TRP B 284 -36.11 3.18 -15.15
CA TRP B 284 -34.65 3.04 -15.17
C TRP B 284 -34.17 2.61 -16.55
N LYS B 285 -33.43 3.50 -17.22
CA LYS B 285 -32.72 3.18 -18.45
C LYS B 285 -31.22 3.25 -18.15
N SER B 286 -30.50 2.20 -18.53
CA SER B 286 -29.09 2.08 -18.16
C SER B 286 -28.23 3.15 -18.84
N THR B 287 -28.56 3.50 -20.08
CA THR B 287 -27.78 4.49 -20.83
C THR B 287 -27.96 5.91 -20.30
N GLU B 288 -28.97 6.16 -19.48
CA GLU B 288 -29.25 7.48 -18.94
C GLU B 288 -28.73 7.66 -17.52
N HIS B 289 -28.33 6.59 -16.85
CA HIS B 289 -27.88 6.62 -15.47
C HIS B 289 -26.59 5.83 -15.29
N ASN B 290 -25.71 5.87 -16.30
CA ASN B 290 -24.43 5.19 -16.25
C ASN B 290 -23.36 5.99 -15.53
N MET B 291 -23.66 7.18 -15.03
CA MET B 291 -22.72 7.99 -14.28
C MET B 291 -23.16 7.98 -12.82
N GLY B 292 -22.38 7.31 -11.98
CA GLY B 292 -22.74 7.21 -10.58
C GLY B 292 -24.01 6.42 -10.34
N LEU B 293 -23.95 5.10 -10.49
CA LEU B 293 -25.10 4.23 -10.32
C LEU B 293 -25.00 3.53 -8.98
N ALA B 294 -26.02 3.71 -8.14
CA ALA B 294 -26.07 3.11 -6.81
C ALA B 294 -27.04 1.93 -6.82
N LEU B 295 -26.53 0.74 -6.53
CA LEU B 295 -27.33 -0.48 -6.50
C LEU B 295 -27.45 -1.00 -5.07
N THR B 296 -28.47 -1.82 -4.85
CA THR B 296 -28.68 -2.49 -3.58
C THR B 296 -28.33 -3.96 -3.72
N ARG B 297 -28.30 -4.65 -2.58
CA ARG B 297 -28.03 -6.09 -2.61
C ARG B 297 -29.13 -6.83 -3.37
N ASN B 298 -30.38 -6.40 -3.22
CA ASN B 298 -31.46 -7.02 -3.98
C ASN B 298 -31.36 -6.65 -5.45
N ALA B 299 -31.00 -5.41 -5.75
CA ALA B 299 -30.82 -5.00 -7.15
C ALA B 299 -29.62 -5.68 -7.77
N TYR B 300 -28.57 -5.94 -6.98
CA TYR B 300 -27.42 -6.67 -7.49
C TYR B 300 -27.78 -8.12 -7.81
N GLN B 301 -28.54 -8.77 -6.93
CA GLN B 301 -28.90 -10.17 -7.15
C GLN B 301 -29.75 -10.35 -8.41
N LYS B 302 -30.52 -9.33 -8.78
CA LYS B 302 -31.29 -9.41 -10.02
C LYS B 302 -30.38 -9.39 -11.25
N LEU B 303 -29.24 -8.71 -11.16
CA LEU B 303 -28.33 -8.63 -12.30
C LEU B 303 -27.58 -9.94 -12.51
N ILE B 304 -27.08 -10.54 -11.42
CA ILE B 304 -26.31 -11.78 -11.56
C ILE B 304 -27.21 -12.94 -11.96
N GLU B 305 -28.50 -12.87 -11.62
CA GLU B 305 -29.44 -13.87 -12.12
C GLU B 305 -29.65 -13.77 -13.63
N CYS B 306 -29.23 -12.67 -14.24
CA CYS B 306 -29.27 -12.47 -15.69
C CYS B 306 -27.87 -12.45 -16.27
N THR B 307 -26.99 -13.30 -15.74
CA THR B 307 -25.59 -13.33 -16.19
C THR B 307 -25.48 -13.87 -17.61
N ASP B 308 -26.20 -14.94 -17.93
CA ASP B 308 -26.11 -15.53 -19.25
C ASP B 308 -26.54 -14.55 -20.34
N THR B 309 -27.54 -13.73 -20.06
CA THR B 309 -28.00 -12.75 -21.05
C THR B 309 -27.03 -11.58 -21.16
N PHE B 310 -26.44 -11.16 -20.05
CA PHE B 310 -25.48 -10.06 -20.08
C PHE B 310 -24.22 -10.44 -20.85
N CYS B 311 -23.71 -11.66 -20.62
CA CYS B 311 -22.43 -12.05 -21.19
C CYS B 311 -22.54 -12.48 -22.66
N THR B 312 -23.73 -12.83 -23.14
CA THR B 312 -23.91 -13.28 -24.50
C THR B 312 -24.48 -12.22 -25.42
N TYR B 313 -25.02 -11.13 -24.88
CA TYR B 313 -25.58 -10.07 -25.71
C TYR B 313 -24.48 -9.39 -26.51
N ASP B 314 -24.70 -9.26 -27.82
CA ASP B 314 -23.68 -8.76 -28.74
C ASP B 314 -23.62 -7.25 -28.64
N ASP B 315 -23.00 -6.77 -27.56
CA ASP B 315 -22.75 -5.34 -27.38
C ASP B 315 -21.67 -5.20 -26.31
N TYR B 316 -20.53 -4.63 -26.68
CA TYR B 316 -19.42 -4.49 -25.74
C TYR B 316 -19.64 -3.38 -24.72
N ASN B 317 -20.67 -2.54 -24.90
CA ASN B 317 -20.98 -1.51 -23.92
C ASN B 317 -21.79 -2.12 -22.79
N TRP B 318 -21.34 -1.88 -21.55
CA TRP B 318 -22.03 -2.46 -20.40
C TRP B 318 -23.40 -1.81 -20.18
N ASP B 319 -23.52 -0.51 -20.45
CA ASP B 319 -24.79 0.16 -20.20
C ASP B 319 -25.83 -0.20 -21.26
N TRP B 320 -25.42 -0.34 -22.53
CA TRP B 320 -26.34 -0.82 -23.54
C TRP B 320 -26.78 -2.26 -23.25
N THR B 321 -25.90 -3.07 -22.68
CA THR B 321 -26.27 -4.44 -22.34
C THR B 321 -27.24 -4.47 -21.16
N LEU B 322 -27.00 -3.64 -20.14
CA LEU B 322 -27.91 -3.57 -19.00
C LEU B 322 -29.29 -3.06 -19.42
N GLN B 323 -29.35 -2.16 -20.40
CA GLN B 323 -30.65 -1.69 -20.88
C GLN B 323 -31.41 -2.82 -21.56
N TYR B 324 -30.70 -3.69 -22.30
CA TYR B 324 -31.35 -4.85 -22.89
C TYR B 324 -31.74 -5.87 -21.83
N LEU B 325 -30.99 -5.93 -20.73
CA LEU B 325 -31.34 -6.85 -19.66
CA LEU B 325 -31.33 -6.85 -19.64
C LEU B 325 -32.70 -6.52 -19.04
N THR B 326 -33.04 -5.23 -18.98
CA THR B 326 -34.30 -4.82 -18.37
C THR B 326 -35.51 -5.22 -19.21
N VAL B 327 -35.37 -5.20 -20.54
CA VAL B 327 -36.51 -5.46 -21.41
C VAL B 327 -36.62 -6.91 -21.84
N SER B 328 -35.70 -7.77 -21.40
CA SER B 328 -35.71 -9.17 -21.85
C SER B 328 -35.51 -10.21 -20.77
N CYS B 329 -34.96 -9.86 -19.60
CA CYS B 329 -34.62 -10.85 -18.58
CA CYS B 329 -34.76 -10.90 -18.59
C CYS B 329 -35.09 -10.47 -17.17
N LEU B 330 -35.13 -9.18 -16.86
CA LEU B 330 -35.49 -8.79 -15.50
C LEU B 330 -36.95 -9.14 -15.21
N PRO B 331 -37.26 -9.58 -14.00
CA PRO B 331 -38.67 -9.92 -13.69
C PRO B 331 -39.61 -8.73 -13.75
N LYS B 332 -39.16 -7.56 -13.31
CA LYS B 332 -39.96 -6.35 -13.40
C LYS B 332 -39.06 -5.18 -13.77
N PHE B 333 -39.66 -4.13 -14.30
CA PHE B 333 -38.91 -2.91 -14.59
C PHE B 333 -38.47 -2.22 -13.31
N TRP B 334 -37.40 -1.44 -13.43
CA TRP B 334 -36.85 -0.68 -12.32
C TRP B 334 -37.27 0.78 -12.42
N LYS B 335 -37.52 1.40 -11.27
CA LYS B 335 -37.76 2.83 -11.19
C LYS B 335 -36.62 3.49 -10.43
N VAL B 336 -36.02 4.52 -11.02
CA VAL B 336 -34.79 5.13 -10.53
C VAL B 336 -35.11 6.51 -9.98
N LEU B 337 -34.41 6.89 -8.91
CA LEU B 337 -34.50 8.21 -8.31
C LEU B 337 -33.28 9.03 -8.73
N VAL B 338 -33.50 10.12 -9.45
CA VAL B 338 -32.40 10.91 -10.00
C VAL B 338 -32.69 12.40 -9.81
N PRO B 339 -31.73 13.18 -9.32
CA PRO B 339 -31.95 14.63 -9.19
C PRO B 339 -31.97 15.31 -10.55
N GLN B 340 -32.70 16.43 -10.61
CA GLN B 340 -32.78 17.19 -11.86
C GLN B 340 -31.45 17.82 -12.22
N ILE B 341 -30.66 18.21 -11.24
CA ILE B 341 -29.30 18.73 -11.45
C ILE B 341 -28.33 17.59 -11.15
N PRO B 342 -27.47 17.22 -12.10
CA PRO B 342 -26.59 16.06 -11.87
C PRO B 342 -25.53 16.37 -10.83
N ARG B 343 -25.25 15.38 -9.99
CA ARG B 343 -24.18 15.47 -9.00
C ARG B 343 -22.93 14.73 -9.45
N ILE B 344 -22.85 14.37 -10.73
CA ILE B 344 -21.67 13.71 -11.29
C ILE B 344 -21.55 14.15 -12.74
N PHE B 345 -20.32 14.37 -13.19
CA PHE B 345 -20.06 14.87 -14.53
C PHE B 345 -19.03 13.98 -15.22
N HIS B 346 -19.14 13.90 -16.54
CA HIS B 346 -18.23 13.09 -17.36
C HIS B 346 -17.26 14.03 -18.06
N ALA B 347 -16.03 14.10 -17.54
CA ALA B 347 -15.01 14.97 -18.12
C ALA B 347 -14.47 14.39 -19.42
N MET B 378 -26.37 24.43 -4.05
CA MET B 378 -25.90 23.14 -3.57
C MET B 378 -26.17 22.99 -2.07
N PHE B 379 -26.02 21.75 -1.58
CA PHE B 379 -26.31 21.40 -0.19
C PHE B 379 -27.72 21.84 0.20
N PRO B 380 -28.77 21.27 -0.38
CA PRO B 380 -30.12 21.69 -0.03
C PRO B 380 -30.53 21.20 1.35
N GLU B 381 -31.34 22.01 2.02
CA GLU B 381 -31.81 21.65 3.36
C GLU B 381 -32.73 20.44 3.31
N THR B 382 -33.61 20.38 2.30
CA THR B 382 -34.57 19.30 2.16
C THR B 382 -34.74 18.98 0.69
N LEU B 383 -34.88 17.68 0.39
CA LEU B 383 -35.17 17.23 -0.96
C LEU B 383 -36.65 16.91 -1.10
N THR B 384 -37.19 17.17 -2.28
CA THR B 384 -38.59 16.93 -2.59
C THR B 384 -38.71 16.31 -3.96
N ILE B 385 -39.52 15.25 -4.07
CA ILE B 385 -39.75 14.63 -5.37
C ILE B 385 -40.59 15.56 -6.22
N SER B 386 -40.14 15.78 -7.46
CA SER B 386 -40.85 16.64 -8.38
C SER B 386 -41.68 15.83 -9.37
N GLU B 387 -41.04 15.40 -10.46
CA GLU B 387 -41.71 14.66 -11.52
C GLU B 387 -41.74 13.18 -11.20
N LYS B 388 -42.91 12.56 -11.44
CA LYS B 388 -43.15 11.14 -11.11
C LYS B 388 -43.72 10.46 -12.36
N PHE B 389 -42.84 10.05 -13.27
CA PHE B 389 -43.27 9.42 -14.51
C PHE B 389 -43.76 8.00 -14.26
N THR B 390 -44.82 7.62 -14.96
CA THR B 390 -45.31 6.25 -14.90
C THR B 390 -44.39 5.32 -15.68
N VAL B 391 -44.49 4.03 -15.36
CA VAL B 391 -43.71 3.02 -16.06
C VAL B 391 -44.21 2.90 -17.48
N VAL B 392 -43.30 3.06 -18.45
CA VAL B 392 -43.64 2.96 -19.86
C VAL B 392 -42.74 1.92 -20.51
N ALA B 393 -43.06 1.60 -21.76
CA ALA B 393 -42.33 0.57 -22.48
C ALA B 393 -40.92 1.05 -22.83
N ILE B 394 -40.07 0.10 -23.21
CA ILE B 394 -38.70 0.36 -23.63
C ILE B 394 -38.40 -0.56 -24.80
N SER B 395 -37.91 0.00 -25.89
CA SER B 395 -37.69 -0.84 -27.06
C SER B 395 -36.31 -1.51 -26.99
N PRO B 396 -36.16 -2.67 -27.61
CA PRO B 396 -34.85 -3.32 -27.65
C PRO B 396 -33.82 -2.44 -28.34
N PRO B 397 -32.75 -2.09 -27.64
CA PRO B 397 -31.76 -1.18 -28.21
C PRO B 397 -31.03 -1.81 -29.39
N ARG B 398 -30.63 -0.96 -30.33
CA ARG B 398 -29.89 -1.42 -31.49
C ARG B 398 -28.51 -1.93 -31.03
N LYS B 399 -28.18 -3.15 -31.45
CA LYS B 399 -26.89 -3.73 -31.09
C LYS B 399 -25.74 -3.01 -31.78
N ASN B 400 -24.66 -2.79 -31.03
CA ASN B 400 -23.45 -2.17 -31.54
C ASN B 400 -22.35 -3.17 -31.87
N GLY B 401 -22.58 -4.46 -31.62
CA GLY B 401 -21.59 -5.47 -31.90
C GLY B 401 -20.45 -5.44 -30.90
N GLY B 402 -19.34 -6.06 -31.31
CA GLY B 402 -18.14 -6.12 -30.50
C GLY B 402 -18.17 -7.14 -29.38
N TRP B 403 -19.22 -7.92 -29.25
CA TRP B 403 -19.34 -8.93 -28.20
C TRP B 403 -19.96 -10.20 -28.76
N GLY B 404 -19.39 -10.69 -29.87
CA GLY B 404 -19.88 -11.90 -30.50
C GLY B 404 -18.97 -13.09 -30.28
N ASP B 405 -17.76 -12.84 -29.81
CA ASP B 405 -16.80 -13.92 -29.55
C ASP B 405 -17.23 -14.70 -28.33
N ILE B 406 -17.40 -16.02 -28.49
CA ILE B 406 -17.86 -16.86 -27.39
C ILE B 406 -16.82 -16.96 -26.29
N ARG B 407 -15.55 -16.71 -26.59
CA ARG B 407 -14.53 -16.69 -25.55
C ARG B 407 -14.81 -15.58 -24.54
N ASP B 408 -15.25 -14.42 -25.01
CA ASP B 408 -15.68 -13.36 -24.10
C ASP B 408 -16.93 -13.75 -23.34
N HIS B 409 -17.78 -14.59 -23.94
CA HIS B 409 -19.01 -15.01 -23.27
C HIS B 409 -18.69 -15.91 -22.08
N GLU B 410 -17.82 -16.91 -22.27
CA GLU B 410 -17.53 -17.85 -21.21
C GLU B 410 -16.74 -17.19 -20.08
N LEU B 411 -15.77 -16.34 -20.44
CA LEU B 411 -14.99 -15.65 -19.41
C LEU B 411 -15.87 -14.75 -18.56
N CYS B 412 -16.84 -14.07 -19.19
CA CYS B 412 -17.74 -13.20 -18.44
C CYS B 412 -18.63 -13.99 -17.49
N LYS B 413 -19.10 -15.16 -17.93
CA LYS B 413 -19.97 -15.98 -17.08
C LYS B 413 -19.20 -16.66 -15.96
N SER B 414 -17.88 -16.80 -16.10
CA SER B 414 -17.08 -17.55 -15.12
C SER B 414 -16.68 -16.74 -13.89
N TYR B 415 -16.86 -15.42 -13.91
CA TYR B 415 -16.39 -14.60 -12.79
C TYR B 415 -17.04 -15.01 -11.48
N ARG B 416 -18.33 -15.33 -11.51
CA ARG B 416 -19.01 -15.75 -10.29
C ARG B 416 -18.56 -17.14 -9.84
N ARG B 417 -18.04 -17.96 -10.75
CA ARG B 417 -17.64 -19.32 -10.43
C ARG B 417 -16.20 -19.42 -9.95
N LEU B 418 -15.30 -18.61 -10.51
CA LEU B 418 -13.88 -18.77 -10.23
C LEU B 418 -13.56 -18.41 -8.78
N GLN B 419 -12.89 -19.33 -8.09
CA GLN B 419 -12.44 -19.10 -6.71
C GLN B 419 -11.36 -20.11 -6.33
C1 NAG C . 28.30 -7.60 28.33
C2 NAG C . 27.27 -6.90 27.46
C3 NAG C . 26.36 -7.95 26.83
C4 NAG C . 27.16 -9.02 26.09
C5 NAG C . 28.23 -9.59 27.02
C6 NAG C . 29.12 -10.55 26.25
C7 NAG C . 26.85 -4.75 28.53
C8 NAG C . 25.97 -3.93 29.41
N2 NAG C . 26.47 -6.01 28.28
O1 NAG C . 29.20 -6.64 28.89
O3 NAG C . 25.47 -7.30 25.91
O4 NAG C . 26.25 -10.07 25.72
O5 NAG C . 29.04 -8.54 27.54
O6 NAG C . 29.95 -9.82 25.34
O7 NAG C . 27.88 -4.30 28.05
C1 BMA C . 26.20 -10.27 24.28
C2 BMA C . 25.91 -11.75 24.05
C3 BMA C . 25.75 -12.08 22.58
C4 BMA C . 24.76 -11.12 21.94
C5 BMA C . 25.15 -9.67 22.23
C6 BMA C . 24.14 -8.72 21.61
O2 BMA C . 24.70 -12.11 24.75
O3 BMA C . 25.22 -13.41 22.46
O4 BMA C . 24.74 -11.32 20.52
O5 BMA C . 25.20 -9.47 23.65
O6 BMA C . 24.01 -7.54 22.43
C1 MAN C . 26.21 -14.34 22.02
C2 MAN C . 25.51 -15.56 21.45
C3 MAN C . 24.66 -16.19 22.55
C4 MAN C . 25.55 -16.54 23.72
C5 MAN C . 26.32 -15.30 24.15
C6 MAN C . 27.26 -15.64 25.31
O2 MAN C . 26.47 -16.54 21.03
O3 MAN C . 24.02 -17.38 22.05
O4 MAN C . 24.76 -17.01 24.81
O5 MAN C . 27.09 -14.77 23.07
O6 MAN C . 26.49 -16.00 26.46
C1 NAG C . 26.68 -16.43 19.61
C2 NAG C . 27.93 -17.20 19.22
C3 NAG C . 28.14 -17.09 17.73
C4 NAG C . 26.91 -17.60 17.00
C5 NAG C . 25.71 -16.79 17.45
C6 NAG C . 24.45 -17.30 16.75
C7 NAG C . 29.48 -17.13 21.10
C8 NAG C . 30.59 -16.41 21.80
N2 NAG C . 29.08 -16.65 19.92
O3 NAG C . 29.28 -17.87 17.35
O4 NAG C . 27.09 -17.46 15.58
O5 NAG C . 25.55 -16.91 18.87
O6 NAG C . 23.91 -18.39 17.50
O7 NAG C . 28.96 -18.13 21.59
C1 MAN C . 22.89 -6.78 21.89
C2 MAN C . 23.22 -5.30 21.86
C3 MAN C . 23.34 -4.76 23.28
C4 MAN C . 22.06 -5.09 24.03
C5 MAN C . 21.83 -6.60 23.98
C6 MAN C . 20.56 -6.95 24.76
O2 MAN C . 22.20 -4.60 21.16
O3 MAN C . 23.50 -3.34 23.23
O4 MAN C . 22.19 -4.67 25.40
O5 MAN C . 21.67 -7.01 22.61
O6 MAN C . 20.64 -6.38 26.06
C1 NAG D . -27.53 7.38 -30.30
C2 NAG D . -26.34 7.82 -29.46
C3 NAG D . -25.06 7.25 -30.07
C4 NAG D . -25.14 5.75 -30.32
C5 NAG D . -26.43 5.43 -31.09
C6 NAG D . -26.60 3.92 -31.23
C7 NAG D . -26.98 10.02 -28.62
C8 NAG D . -26.80 11.51 -28.73
N2 NAG D . -26.26 9.27 -29.45
O1 NAG D . -28.75 7.83 -29.68
O3 NAG D . -23.96 7.52 -29.19
O4 NAG D . -24.02 5.38 -31.13
O5 NAG D . -27.56 5.96 -30.40
O6 NAG D . -26.81 3.59 -32.61
O7 NAG D . -27.74 9.53 -27.82
C1 BMA D . -23.24 4.27 -30.59
C2 BMA D . -22.07 4.02 -31.53
C3 BMA D . -21.26 2.82 -31.07
C4 BMA D . -20.82 3.06 -29.62
C5 BMA D . -22.04 3.35 -28.76
C6 BMA D . -21.64 3.61 -27.31
O2 BMA D . -21.24 5.18 -31.58
O3 BMA D . -20.09 2.71 -31.90
O4 BMA D . -20.17 1.88 -29.13
O5 BMA D . -22.75 4.48 -29.26
O6 BMA D . -22.76 4.11 -26.58
C1 MAN D . -20.26 1.65 -32.87
C2 MAN D . -18.92 1.30 -33.49
C3 MAN D . -18.41 2.50 -34.29
C4 MAN D . -19.45 2.81 -35.36
C5 MAN D . -20.78 3.09 -34.68
C6 MAN D . -21.83 3.41 -35.73
O2 MAN D . -19.08 0.21 -34.40
O3 MAN D . -17.16 2.17 -34.91
O4 MAN D . -19.03 3.97 -36.10
O5 MAN D . -21.20 1.96 -33.91
O6 MAN D . -22.15 2.22 -36.45
C1 NAG D . -18.68 -1.02 -33.78
C2 NAG D . -18.97 -2.16 -34.74
C3 NAG D . -18.55 -3.48 -34.11
C4 NAG D . -17.08 -3.42 -33.70
C5 NAG D . -16.88 -2.23 -32.77
C6 NAG D . -15.41 -2.12 -32.38
C7 NAG D . -20.91 -1.50 -36.05
C8 NAG D . -22.41 -1.47 -36.16
N2 NAG D . -20.39 -2.20 -35.04
O3 NAG D . -18.74 -4.55 -35.04
O4 NAG D . -16.72 -4.63 -33.02
O5 NAG D . -17.29 -1.02 -33.41
O6 NAG D . -14.63 -1.92 -33.56
O7 NAG D . -20.21 -0.92 -36.85
C1 MAN D . -22.32 4.70 -25.35
C2 MAN D . -23.51 4.85 -24.40
C3 MAN D . -24.47 5.89 -24.96
C4 MAN D . -23.72 7.18 -25.24
C5 MAN D . -22.55 6.88 -26.16
C6 MAN D . -21.79 8.17 -26.48
O2 MAN D . -23.04 5.29 -23.11
O3 MAN D . -25.51 6.15 -24.00
O4 MAN D . -24.60 8.11 -25.89
O5 MAN D . -21.66 5.95 -25.52
O6 MAN D . -20.79 7.89 -27.45
C1 NAG E . 9.81 -20.64 -7.51
C2 NAG E . 10.43 -21.84 -8.23
C3 NAG E . 11.89 -21.96 -7.81
C4 NAG E . 12.64 -20.67 -8.06
C5 NAG E . 11.93 -19.54 -7.32
C6 NAG E . 12.64 -18.23 -7.60
C7 NAG E . 9.15 -23.83 -8.79
C8 NAG E . 9.40 -23.50 -10.24
N2 NAG E . 9.71 -23.04 -7.88
O3 NAG E . 12.50 -23.02 -8.56
O4 NAG E . 13.98 -20.79 -7.59
O5 NAG E . 10.57 -19.45 -7.74
O6 NAG E . 11.96 -17.54 -8.67
O7 NAG E . 8.45 -24.78 -8.46
S DMS F . -0.30 18.67 15.73
O DMS F . 0.93 18.97 14.93
C1 DMS F . -0.28 19.62 17.27
C2 DMS F . -0.20 16.99 16.39
S DMS G . 0.84 -13.34 7.28
O DMS G . 1.35 -12.78 5.99
C1 DMS G . -0.25 -12.14 8.08
C2 DMS G . 2.18 -13.42 8.49
S DMS H . 1.88 -17.29 -8.56
O DMS H . 1.48 -17.23 -7.12
C1 DMS H . 0.81 -16.18 -9.53
C2 DMS H . 3.48 -16.46 -8.78
C1 NAG I . 6.07 -13.27 -20.46
C2 NAG I . 6.54 -12.88 -21.86
C3 NAG I . 5.34 -12.84 -22.80
C4 NAG I . 4.59 -14.16 -22.76
C5 NAG I . 4.20 -14.46 -21.32
C6 NAG I . 3.48 -15.81 -21.27
C7 NAG I . 8.10 -11.20 -22.71
C8 NAG I . 8.70 -9.85 -22.54
N2 NAG I . 7.17 -11.57 -21.83
O3 NAG I . 5.78 -12.58 -24.14
O4 NAG I . 3.40 -14.06 -23.57
O5 NAG I . 5.36 -14.51 -20.50
O6 NAG I . 3.11 -16.10 -19.91
O7 NAG I . 8.44 -11.94 -23.62
C1 PEG J . -15.49 18.67 4.08
O1 PEG J . -14.35 18.65 3.22
C2 PEG J . -15.23 17.78 5.29
O2 PEG J . -16.44 17.58 6.01
C3 PEG J . -16.26 16.66 7.09
C4 PEG J . -17.61 16.35 7.72
O4 PEG J . -17.42 15.36 8.75
#